data_8ZV6
#
_entry.id   8ZV6
#
_cell.length_a   1.00
_cell.length_b   1.00
_cell.length_c   1.00
_cell.angle_alpha   90.00
_cell.angle_beta   90.00
_cell.angle_gamma   90.00
#
_symmetry.space_group_name_H-M   'P 1'
#
loop_
_entity.id
_entity.type
_entity.pdbx_description
1 polymer 'Propionyl-CoA carboxylase alpha chain, mitochondrial'
2 polymer 'Propionyl-CoA carboxylase beta chain, mitochondrial'
3 polymer 'Propionyl-CoA carboxylase beta chain, mitochondrial'
4 non-polymer BIOTIN
5 non-polymer "ADENOSINE-5'-TRIPHOSPHATE"
6 non-polymer 'MAGNESIUM ION'
7 non-polymer 'BICARBONATE ION'
8 non-polymer 'propionyl Coenzyme A'
#
loop_
_entity_poly.entity_id
_entity_poly.type
_entity_poly.pdbx_seq_one_letter_code
_entity_poly.pdbx_strand_id
1 'polypeptide(L)'
;MAGFWVGTAPLVAAGRRGRWPPQQLMLSAALRTLKHVLYYSRQCLMVSRNLGSVGYDPNEKTFDKILVANRGEIACRVIR
TCKKMGIKTVAIHSDVDASSVHVKMADEAVCVGPAPTSKSYLNMDAIMEAIKKTRAQAVHPGYGFLSENKEFARCLAAED
VVFIGPDTHAIQAMGDKIESKLLAKKAEVNTIPGFDGVVKDAEEAVRIAREIGYPVMIKASAGGGGKGMRIAWDDEETRD
GFRLSSQEAASSFGDDRLLIEKFIDNPRHIEIQVLGDKHGNALWLNERECSIQRRNQKVVEEAPSIFLDAETRRAMGEQA
VALARAVKYSSAGTVEFLVDSKKNFYFLEMNTRLQVEHPVTECITGLDLVQEMIRVAKGYPLRHKQADIRINGWAVECRV
YAEDPYKSFGLPSIGRLSQYQEPLHLPGVRVDSGIQPGSDISIYYDPMISKLITYGSDRTEALKRMADALDNYVIRGVTH
NIALLREVIINSRFVKGDISTKFLSDVYPDGFKGHMLTKSEKNQLLAIASSLFVAFQLRAQHFQENSRMPVIKPDIANWE
LSVKLHDKVHTVVASNNGSVFSVEVDGSKLNVTSTWNLASPLLSVSVDGTQRTVQCLSREAGGNMSIQFLGTVYKVNILT
RLAAELNKFMLEKVTEDTSSVLRSPMPGVVVAVSVKPGDAVAEGQEICVIEAMKMQNSMTAGKTGTVKSVHCQAGDTVGE
GDLLVELE
;
A
2 'polypeptide(L)'
;DPSDRLVPELDTIVPLESTKAYNMVDIIHSVVDEREFFEIMPNYAKNIIVGFARMNGRTVGIVGNQPKVASGCLDINSSV
KGARFVRFCDAFNIPLITFVDVPGFLPGTAQEYGGIIRHGAKLLYAFAEATVPKVTVITRKAYGGAYYVMSSKHLCGDTN
YAWPTAEIAVMGAKGAVEIIFKGHENVEAAQAEYIEKFANPFPAAVRGFVDDIIQPSSTRARICCDLDVLASKKVQRPWR
KHANIPL
;
B
3 'polypeptide(L)'
;MAAALRVAAVGARLSVLASGLRAAVRSLCSQATSVNERIENKRRTALLGGGQRRIDAQHKRGKLTARERISLLLDPGSFV
ESDMFVEHRCADFGMAADKNKFPGDSVVTGRGRINGRLVYVFSQDFTVFGGSLSGAHAQKICKIMDQAITVGAPVIGLND
SGGARIQEGVESLAGYADIFLRNVTASGVIPQISLIMGPCAGGAVYSPALTDFTFMVKDTSYLFITGPDVVKSVTNEDVT
QEELGGAKTHTTMSGVAHRAFENDVDALCNLRDFFNYLPLSSQDPAPVRECH
;
F
#
loop_
_chem_comp.id
_chem_comp.type
_chem_comp.name
_chem_comp.formula
1VU non-polymer 'propionyl Coenzyme A' 'C24 H40 N7 O17 P3 S'
ATP non-polymer ADENOSINE-5'-TRIPHOSPHATE 'C10 H16 N5 O13 P3'
BCT non-polymer 'BICARBONATE ION' 'C H O3 -1'
BTN non-polymer BIOTIN 'C10 H16 N2 O3 S'
MG non-polymer 'MAGNESIUM ION' 'Mg 2'
#
# COMPACT_ATOMS: atom_id res chain seq x y z
N TYR A 56 9.32 22.60 -33.53
CA TYR A 56 10.18 22.37 -32.38
C TYR A 56 11.59 22.89 -32.61
N ASP A 57 11.70 24.12 -33.10
CA ASP A 57 13.00 24.72 -33.34
C ASP A 57 13.60 25.21 -32.03
N PRO A 58 14.76 24.72 -31.63
CA PRO A 58 15.41 25.21 -30.40
C PRO A 58 16.32 26.42 -30.59
N ASN A 59 16.50 26.88 -31.83
CA ASN A 59 17.37 28.02 -32.08
C ASN A 59 16.83 29.29 -31.44
N GLU A 60 15.51 29.49 -31.51
CA GLU A 60 14.91 30.69 -30.95
C GLU A 60 15.04 30.71 -29.43
N LYS A 61 15.27 31.88 -28.88
CA LYS A 61 15.41 32.05 -27.44
C LYS A 61 14.03 32.00 -26.79
N THR A 62 13.93 31.25 -25.69
CA THR A 62 12.68 31.12 -24.96
C THR A 62 13.04 30.94 -23.49
N PHE A 63 12.02 31.07 -22.62
CA PHE A 63 12.22 31.04 -21.18
C PHE A 63 13.03 29.81 -20.76
N ASP A 64 14.06 30.04 -19.95
CA ASP A 64 14.90 28.93 -19.51
C ASP A 64 14.22 28.11 -18.41
N LYS A 65 13.47 28.75 -17.53
CA LYS A 65 12.85 28.07 -16.39
C LYS A 65 11.35 28.32 -16.40
N ILE A 66 10.58 27.25 -16.32
CA ILE A 66 9.12 27.31 -16.26
C ILE A 66 8.65 26.48 -15.09
N LEU A 67 7.76 27.05 -14.28
CA LEU A 67 7.12 26.36 -13.18
C LEU A 67 5.68 26.04 -13.56
N VAL A 68 5.27 24.79 -13.30
CA VAL A 68 3.93 24.34 -13.63
C VAL A 68 3.14 24.31 -12.33
N ALA A 69 2.12 25.17 -12.24
CA ALA A 69 1.31 25.29 -11.04
C ALA A 69 0.03 24.46 -11.18
N ASN A 70 0.22 23.15 -11.28
CA ASN A 70 -0.88 22.22 -11.43
C ASN A 70 -0.38 20.83 -11.06
N ARG A 71 -1.22 19.81 -11.32
CA ARG A 71 -0.86 18.44 -11.03
C ARG A 71 -1.59 17.52 -12.00
N GLY A 72 -1.05 16.31 -12.15
CA GLY A 72 -1.73 15.29 -12.91
C GLY A 72 -1.35 15.22 -14.37
N GLU A 73 -2.34 14.97 -15.23
CA GLU A 73 -2.07 14.79 -16.66
C GLU A 73 -1.54 16.06 -17.29
N ILE A 74 -2.07 17.22 -16.87
CA ILE A 74 -1.71 18.47 -17.52
C ILE A 74 -0.28 18.86 -17.16
N ALA A 75 0.13 18.62 -15.92
CA ALA A 75 1.52 18.86 -15.55
C ALA A 75 2.45 17.98 -16.36
N CYS A 76 2.09 16.71 -16.55
CA CYS A 76 2.90 15.82 -17.37
C CYS A 76 2.99 16.31 -18.80
N ARG A 77 1.86 16.76 -19.36
CA ARG A 77 1.85 17.26 -20.73
C ARG A 77 2.74 18.48 -20.88
N VAL A 78 2.65 19.41 -19.93
CA VAL A 78 3.47 20.63 -19.99
C VAL A 78 4.95 20.29 -19.82
N ILE A 79 5.27 19.35 -18.93
CA ILE A 79 6.67 18.95 -18.77
C ILE A 79 7.19 18.35 -20.06
N ARG A 80 6.38 17.50 -20.71
CA ARG A 80 6.82 16.88 -21.96
C ARG A 80 7.05 17.91 -23.04
N THR A 81 6.10 18.85 -23.21
CA THR A 81 6.26 19.83 -24.28
C THR A 81 7.35 20.85 -23.97
N CYS A 82 7.67 21.05 -22.69
CA CYS A 82 8.80 21.92 -22.36
C CYS A 82 10.13 21.22 -22.59
N LYS A 83 10.19 19.91 -22.30
CA LYS A 83 11.39 19.15 -22.59
C LYS A 83 11.64 19.08 -24.09
N LYS A 84 10.56 18.97 -24.87
CA LYS A 84 10.72 18.97 -26.32
C LYS A 84 11.32 20.26 -26.86
N MET A 85 11.11 21.38 -26.18
CA MET A 85 11.63 22.66 -26.63
C MET A 85 12.74 23.20 -25.73
N GLY A 86 13.40 22.33 -24.97
CA GLY A 86 14.61 22.68 -24.25
C GLY A 86 14.47 23.71 -23.15
N ILE A 87 13.54 23.50 -22.23
CA ILE A 87 13.30 24.41 -21.12
C ILE A 87 13.42 23.65 -19.81
N LYS A 88 14.20 24.19 -18.87
CA LYS A 88 14.21 23.64 -17.53
C LYS A 88 12.84 23.81 -16.88
N THR A 89 12.38 22.75 -16.21
CA THR A 89 11.02 22.69 -15.71
C THR A 89 11.01 22.61 -14.19
N VAL A 90 9.99 23.19 -13.59
CA VAL A 90 9.76 23.12 -12.15
C VAL A 90 8.35 22.59 -11.94
N ALA A 91 8.22 21.61 -11.04
CA ALA A 91 6.93 21.02 -10.72
C ALA A 91 6.66 21.16 -9.22
N ILE A 92 5.49 21.63 -8.88
CA ILE A 92 5.05 21.73 -7.50
C ILE A 92 4.29 20.47 -7.16
N HIS A 93 4.32 20.09 -5.88
CA HIS A 93 3.61 18.90 -5.43
C HIS A 93 3.38 18.98 -3.93
N SER A 94 2.28 18.39 -3.48
CA SER A 94 2.01 18.28 -2.06
C SER A 94 2.82 17.12 -1.48
N ASP A 95 2.65 16.89 -0.17
CA ASP A 95 3.37 15.80 0.47
C ASP A 95 2.92 14.44 -0.04
N VAL A 96 1.61 14.29 -0.28
CA VAL A 96 1.09 13.02 -0.78
C VAL A 96 1.62 12.73 -2.18
N ASP A 97 1.62 13.73 -3.06
CA ASP A 97 2.01 13.54 -4.46
C ASP A 97 3.52 13.64 -4.66
N ALA A 98 4.31 13.41 -3.61
CA ALA A 98 5.76 13.56 -3.70
C ALA A 98 6.41 12.57 -4.66
N SER A 99 5.70 11.51 -5.06
CA SER A 99 6.24 10.50 -5.96
C SER A 99 5.42 10.38 -7.23
N SER A 100 4.69 11.43 -7.62
CA SER A 100 3.85 11.37 -8.80
C SER A 100 4.70 11.40 -10.08
N VAL A 101 4.03 11.19 -11.21
CA VAL A 101 4.74 11.12 -12.48
C VAL A 101 5.35 12.46 -12.84
N HIS A 102 4.60 13.55 -12.64
CA HIS A 102 5.11 14.86 -13.07
C HIS A 102 6.26 15.32 -12.20
N VAL A 103 6.36 14.84 -10.97
CA VAL A 103 7.50 15.19 -10.13
C VAL A 103 8.78 14.54 -10.64
N LYS A 104 8.70 13.25 -10.98
CA LYS A 104 9.90 12.55 -11.45
C LYS A 104 10.25 12.93 -12.87
N MET A 105 9.27 13.35 -13.68
CA MET A 105 9.58 13.80 -15.03
C MET A 105 10.18 15.20 -15.04
N ALA A 106 9.85 16.03 -14.06
CA ALA A 106 10.41 17.37 -13.99
C ALA A 106 11.88 17.31 -13.59
N ASP A 107 12.62 18.35 -13.98
CA ASP A 107 14.04 18.41 -13.62
C ASP A 107 14.22 18.52 -12.11
N GLU A 108 13.40 19.33 -11.45
CA GLU A 108 13.39 19.42 -10.00
C GLU A 108 11.99 19.82 -9.54
N ALA A 109 11.72 19.58 -8.26
CA ALA A 109 10.40 19.80 -7.71
C ALA A 109 10.52 20.49 -6.35
N VAL A 110 9.46 21.21 -5.98
CA VAL A 110 9.39 21.94 -4.72
C VAL A 110 8.08 21.59 -4.04
N CYS A 111 8.16 21.07 -2.82
CA CYS A 111 6.95 20.79 -2.06
C CYS A 111 6.26 22.08 -1.66
N VAL A 112 4.93 22.08 -1.71
CA VAL A 112 4.16 23.28 -1.45
C VAL A 112 3.44 23.25 -0.10
N GLY A 113 3.05 22.07 0.39
CA GLY A 113 2.37 22.00 1.65
C GLY A 113 1.70 20.66 1.91
N PRO A 114 0.63 20.68 2.71
CA PRO A 114 -0.02 19.43 3.10
C PRO A 114 -0.85 18.82 1.99
N ALA A 115 -1.58 17.75 2.31
CA ALA A 115 -2.36 17.06 1.29
C ALA A 115 -3.46 17.91 0.65
N PRO A 116 -4.31 18.61 1.41
CA PRO A 116 -5.46 19.28 0.78
C PRO A 116 -5.04 20.31 -0.25
N THR A 117 -5.84 20.43 -1.31
CA THR A 117 -5.55 21.37 -2.38
C THR A 117 -5.73 22.82 -1.93
N SER A 118 -6.62 23.07 -0.96
CA SER A 118 -6.83 24.42 -0.48
C SER A 118 -5.63 24.96 0.29
N LYS A 119 -4.70 24.09 0.69
CA LYS A 119 -3.53 24.51 1.44
C LYS A 119 -2.22 24.23 0.73
N SER A 120 -2.23 23.51 -0.39
CA SER A 120 -0.99 23.14 -1.07
C SER A 120 -0.86 23.78 -2.45
N TYR A 121 -1.82 23.53 -3.35
CA TYR A 121 -1.73 24.11 -4.69
C TYR A 121 -2.46 25.43 -4.81
N LEU A 122 -3.39 25.71 -3.90
CA LEU A 122 -4.10 26.98 -3.87
C LEU A 122 -3.44 28.00 -2.95
N ASN A 123 -2.28 27.67 -2.38
CA ASN A 123 -1.56 28.58 -1.51
C ASN A 123 -0.64 29.45 -2.37
N MET A 124 -1.01 30.72 -2.55
CA MET A 124 -0.24 31.60 -3.42
C MET A 124 1.16 31.86 -2.87
N ASP A 125 1.29 32.03 -1.55
CA ASP A 125 2.58 32.40 -0.97
C ASP A 125 3.62 31.31 -1.18
N ALA A 126 3.21 30.05 -1.04
CA ALA A 126 4.13 28.94 -1.29
C ALA A 126 4.61 28.94 -2.72
N ILE A 127 3.70 29.22 -3.67
CA ILE A 127 4.09 29.29 -5.08
C ILE A 127 5.07 30.43 -5.29
N MET A 128 4.81 31.58 -4.65
CA MET A 128 5.68 32.74 -4.80
C MET A 128 7.08 32.44 -4.30
N GLU A 129 7.19 31.83 -3.12
CA GLU A 129 8.51 31.52 -2.59
C GLU A 129 9.20 30.43 -3.40
N ALA A 130 8.44 29.47 -3.93
CA ALA A 130 9.03 28.45 -4.79
C ALA A 130 9.60 29.07 -6.06
N ILE A 131 8.88 30.00 -6.67
CA ILE A 131 9.39 30.70 -7.85
C ILE A 131 10.61 31.53 -7.48
N LYS A 132 10.57 32.18 -6.31
CA LYS A 132 11.69 33.01 -5.87
C LYS A 132 12.96 32.19 -5.70
N LYS A 133 12.83 31.01 -5.09
CA LYS A 133 14.01 30.19 -4.81
C LYS A 133 14.57 29.56 -6.08
N THR A 134 13.69 29.10 -6.97
CA THR A 134 14.11 28.35 -8.14
C THR A 134 14.55 29.22 -9.30
N ARG A 135 14.48 30.55 -9.16
CA ARG A 135 14.84 31.48 -10.25
C ARG A 135 14.02 31.20 -11.51
N ALA A 136 12.74 30.91 -11.31
CA ALA A 136 11.86 30.62 -12.44
C ALA A 136 11.64 31.89 -13.27
N GLN A 137 11.38 31.69 -14.56
CA GLN A 137 11.10 32.80 -15.47
C GLN A 137 9.67 32.83 -15.98
N ALA A 138 9.00 31.68 -16.07
CA ALA A 138 7.63 31.64 -16.53
C ALA A 138 6.84 30.65 -15.68
N VAL A 139 5.53 30.74 -15.76
CA VAL A 139 4.63 29.85 -15.02
C VAL A 139 3.46 29.47 -15.91
N HIS A 140 3.08 28.20 -15.85
CA HIS A 140 1.93 27.69 -16.60
C HIS A 140 0.94 27.08 -15.62
N PRO A 141 -0.28 27.62 -15.51
CA PRO A 141 -1.25 27.08 -14.55
C PRO A 141 -1.98 25.84 -15.03
N GLY A 142 -1.74 25.40 -16.26
CA GLY A 142 -2.52 24.31 -16.80
C GLY A 142 -3.97 24.74 -16.95
N TYR A 143 -4.87 24.03 -16.27
CA TYR A 143 -6.26 24.43 -16.20
C TYR A 143 -6.76 24.23 -14.77
N GLY A 144 -7.76 25.02 -14.39
CA GLY A 144 -8.26 24.99 -13.04
C GLY A 144 -7.33 25.70 -12.06
N PHE A 145 -7.59 25.46 -10.78
CA PHE A 145 -6.80 26.02 -9.68
C PHE A 145 -6.69 27.54 -9.78
N LEU A 146 -5.48 28.04 -9.98
CA LEU A 146 -5.20 29.46 -9.98
C LEU A 146 -5.14 30.05 -11.38
N SER A 147 -5.56 29.30 -12.40
CA SER A 147 -5.56 29.82 -13.76
C SER A 147 -6.50 31.01 -13.93
N GLU A 148 -7.50 31.14 -13.06
CA GLU A 148 -8.44 32.24 -13.10
C GLU A 148 -8.26 33.21 -11.93
N ASN A 149 -7.18 33.07 -11.17
CA ASN A 149 -6.98 33.86 -9.96
C ASN A 149 -6.40 35.22 -10.32
N LYS A 150 -7.19 36.28 -10.15
CA LYS A 150 -6.71 37.63 -10.39
C LYS A 150 -5.62 38.02 -9.38
N GLU A 151 -5.80 37.62 -8.12
CA GLU A 151 -4.81 37.93 -7.10
C GLU A 151 -3.47 37.29 -7.43
N PHE A 152 -3.48 36.03 -7.88
CA PHE A 152 -2.26 35.39 -8.32
C PHE A 152 -1.64 36.15 -9.48
N ALA A 153 -2.46 36.58 -10.43
CA ALA A 153 -1.95 37.31 -11.58
C ALA A 153 -1.26 38.60 -11.17
N ARG A 154 -1.86 39.35 -10.24
CA ARG A 154 -1.28 40.63 -9.86
C ARG A 154 0.00 40.43 -9.03
N CYS A 155 -0.03 39.52 -8.06
CA CYS A 155 1.18 39.30 -7.27
C CYS A 155 2.28 38.65 -8.10
N LEU A 156 1.91 38.00 -9.20
CA LEU A 156 2.88 37.39 -10.10
C LEU A 156 3.49 38.41 -11.04
N ALA A 157 2.68 39.32 -11.57
CA ALA A 157 3.20 40.41 -12.39
C ALA A 157 3.91 41.47 -11.56
N ALA A 158 3.79 41.40 -10.23
CA ALA A 158 4.54 42.31 -9.36
C ALA A 158 6.04 42.19 -9.62
N GLU A 159 6.51 40.98 -9.89
CA GLU A 159 7.91 40.74 -10.22
C GLU A 159 8.07 40.59 -11.74
N ASP A 160 9.28 40.22 -12.16
CA ASP A 160 9.59 40.10 -13.57
C ASP A 160 8.97 38.86 -14.23
N VAL A 161 8.58 37.86 -13.44
CA VAL A 161 8.00 36.65 -14.02
C VAL A 161 6.67 36.97 -14.67
N VAL A 162 6.37 36.28 -15.77
CA VAL A 162 5.19 36.55 -16.58
C VAL A 162 4.27 35.35 -16.52
N PHE A 163 2.96 35.61 -16.60
CA PHE A 163 1.95 34.56 -16.54
C PHE A 163 1.62 34.10 -17.96
N ILE A 164 1.84 32.82 -18.23
CA ILE A 164 1.53 32.26 -19.55
C ILE A 164 0.03 32.05 -19.64
N GLY A 165 -0.67 33.01 -20.23
CA GLY A 165 -2.11 32.94 -20.36
C GLY A 165 -2.70 34.28 -20.73
N PRO A 166 -4.03 34.38 -20.68
CA PRO A 166 -4.70 35.63 -21.05
C PRO A 166 -4.47 36.71 -20.01
N ASP A 167 -4.73 37.95 -20.42
CA ASP A 167 -4.56 39.09 -19.55
C ASP A 167 -5.62 39.08 -18.45
N THR A 168 -5.33 39.81 -17.36
CA THR A 168 -6.26 39.88 -16.25
C THR A 168 -7.59 40.50 -16.66
N HIS A 169 -7.56 41.41 -17.65
CA HIS A 169 -8.78 42.06 -18.10
C HIS A 169 -9.77 41.05 -18.66
N ALA A 170 -9.30 40.15 -19.53
CA ALA A 170 -10.16 39.11 -20.07
C ALA A 170 -10.65 38.18 -18.95
N ILE A 171 -9.77 37.87 -18.01
CA ILE A 171 -10.13 36.97 -16.91
C ILE A 171 -11.28 37.55 -16.11
N GLN A 172 -11.20 38.83 -15.76
CA GLN A 172 -12.26 39.44 -14.97
C GLN A 172 -13.50 39.71 -15.80
N ALA A 173 -13.34 39.91 -17.11
CA ALA A 173 -14.51 40.10 -17.96
C ALA A 173 -15.32 38.82 -18.10
N MET A 174 -14.64 37.68 -18.25
CA MET A 174 -15.34 36.42 -18.49
C MET A 174 -15.57 35.61 -17.22
N GLY A 175 -15.04 36.04 -16.07
CA GLY A 175 -15.29 35.32 -14.84
C GLY A 175 -16.76 35.34 -14.44
N ASP A 176 -17.41 36.48 -14.63
CA ASP A 176 -18.82 36.63 -14.31
C ASP A 176 -19.67 36.47 -15.57
N LYS A 177 -20.88 35.93 -15.40
CA LYS A 177 -21.67 35.51 -16.55
C LYS A 177 -22.39 36.68 -17.21
N ILE A 178 -23.03 37.55 -16.43
CA ILE A 178 -23.87 38.59 -17.02
C ILE A 178 -23.01 39.59 -17.79
N GLU A 179 -21.82 39.91 -17.27
CA GLU A 179 -20.93 40.80 -18.00
C GLU A 179 -20.47 40.18 -19.30
N SER A 180 -20.20 38.87 -19.29
CA SER A 180 -19.85 38.18 -20.53
C SER A 180 -21.00 38.25 -21.52
N LYS A 181 -22.23 38.05 -21.05
CA LYS A 181 -23.39 38.09 -21.95
C LYS A 181 -23.58 39.48 -22.54
N LEU A 182 -23.44 40.53 -21.73
CA LEU A 182 -23.62 41.87 -22.26
C LEU A 182 -22.47 42.26 -23.19
N LEU A 183 -21.27 41.75 -22.92
CA LEU A 183 -20.16 41.98 -23.84
C LEU A 183 -20.42 41.30 -25.18
N ALA A 184 -20.93 40.07 -25.14
CA ALA A 184 -21.28 39.37 -26.38
C ALA A 184 -22.37 40.12 -27.14
N LYS A 185 -23.35 40.66 -26.41
CA LYS A 185 -24.36 41.49 -27.05
C LYS A 185 -23.73 42.70 -27.71
N LYS A 186 -22.77 43.34 -27.03
CA LYS A 186 -21.99 44.40 -27.65
C LYS A 186 -21.06 43.87 -28.75
N ALA A 187 -20.79 42.58 -28.75
CA ALA A 187 -19.96 41.95 -29.78
C ALA A 187 -20.77 41.49 -30.98
N GLU A 188 -22.03 41.90 -31.07
CA GLU A 188 -22.95 41.56 -32.16
C GLU A 188 -22.81 40.10 -32.59
N VAL A 189 -22.83 39.21 -31.61
CA VAL A 189 -22.81 37.77 -31.85
C VAL A 189 -24.10 37.18 -31.30
N ASN A 190 -24.54 36.08 -31.89
CA ASN A 190 -25.77 35.43 -31.49
C ASN A 190 -25.68 34.94 -30.05
N THR A 191 -26.72 35.20 -29.28
CA THR A 191 -26.76 34.84 -27.86
C THR A 191 -28.13 34.31 -27.51
N ILE A 192 -28.21 33.67 -26.35
CA ILE A 192 -29.51 33.17 -25.86
C ILE A 192 -30.40 34.36 -25.52
N PRO A 193 -31.63 34.41 -26.04
CA PRO A 193 -32.57 35.46 -25.62
C PRO A 193 -32.92 35.29 -24.14
N GLY A 194 -32.48 36.25 -23.34
CA GLY A 194 -32.67 36.15 -21.90
C GLY A 194 -32.70 37.51 -21.25
N PHE A 195 -33.04 37.51 -19.96
CA PHE A 195 -33.13 38.75 -19.21
C PHE A 195 -31.75 39.39 -19.05
N ASP A 196 -31.70 40.71 -19.20
CA ASP A 196 -30.46 41.44 -19.02
C ASP A 196 -30.39 41.97 -17.58
N GLY A 197 -29.35 41.58 -16.86
CA GLY A 197 -29.17 41.95 -15.48
C GLY A 197 -29.33 40.77 -14.55
N VAL A 198 -29.58 41.09 -13.28
CA VAL A 198 -29.73 40.10 -12.22
C VAL A 198 -31.13 40.23 -11.63
N VAL A 199 -31.86 39.12 -11.58
CA VAL A 199 -33.18 39.11 -10.98
C VAL A 199 -33.04 39.05 -9.46
N LYS A 200 -33.75 39.94 -8.76
CA LYS A 200 -33.63 40.05 -7.32
C LYS A 200 -34.79 39.47 -6.53
N ASP A 201 -35.96 39.31 -7.14
CA ASP A 201 -37.12 38.76 -6.45
C ASP A 201 -37.79 37.71 -7.32
N ALA A 202 -38.50 36.80 -6.66
CA ALA A 202 -39.19 35.73 -7.38
C ALA A 202 -40.26 36.28 -8.31
N GLU A 203 -40.93 37.35 -7.90
CA GLU A 203 -41.95 37.98 -8.75
C GLU A 203 -41.32 38.53 -10.02
N GLU A 204 -40.14 39.13 -9.92
CA GLU A 204 -39.43 39.58 -11.11
C GLU A 204 -39.07 38.39 -11.99
N ALA A 205 -38.63 37.30 -11.36
CA ALA A 205 -38.30 36.10 -12.12
C ALA A 205 -39.50 35.63 -12.92
N VAL A 206 -40.67 35.56 -12.29
CA VAL A 206 -41.84 35.04 -12.99
C VAL A 206 -42.31 36.01 -14.07
N ARG A 207 -42.27 37.33 -13.80
CA ARG A 207 -42.75 38.24 -14.83
C ARG A 207 -41.83 38.23 -16.05
N ILE A 208 -40.51 38.11 -15.83
CA ILE A 208 -39.61 37.97 -16.97
C ILE A 208 -39.83 36.64 -17.66
N ALA A 209 -40.09 35.57 -16.89
CA ALA A 209 -40.31 34.26 -17.48
C ALA A 209 -41.56 34.24 -18.34
N ARG A 210 -42.52 35.15 -18.08
CA ARG A 210 -43.68 35.26 -18.95
C ARG A 210 -43.27 35.48 -20.40
N GLU A 211 -42.29 36.33 -20.64
CA GLU A 211 -41.92 36.68 -22.01
C GLU A 211 -40.70 35.94 -22.53
N ILE A 212 -39.74 35.59 -21.67
CA ILE A 212 -38.52 34.97 -22.17
C ILE A 212 -38.70 33.51 -22.53
N GLY A 213 -39.85 32.91 -22.22
CA GLY A 213 -40.11 31.55 -22.64
C GLY A 213 -40.48 30.59 -21.52
N TYR A 214 -41.35 29.62 -21.83
CA TYR A 214 -41.71 28.60 -20.86
C TYR A 214 -40.52 27.76 -20.43
N PRO A 215 -39.69 27.21 -21.35
CA PRO A 215 -38.49 26.45 -20.90
C PRO A 215 -37.34 27.38 -20.48
N VAL A 216 -37.36 27.81 -19.22
CA VAL A 216 -36.45 28.84 -18.76
C VAL A 216 -35.41 28.22 -17.83
N MET A 217 -34.14 28.54 -18.08
CA MET A 217 -33.03 27.99 -17.31
C MET A 217 -32.47 29.08 -16.41
N ILE A 218 -32.29 28.76 -15.13
CA ILE A 218 -31.71 29.69 -14.16
C ILE A 218 -30.29 29.23 -13.84
N LYS A 219 -29.34 30.16 -13.98
CA LYS A 219 -27.93 29.88 -13.75
C LYS A 219 -27.38 30.90 -12.76
N ALA A 220 -26.77 30.40 -11.69
CA ALA A 220 -26.10 31.29 -10.75
C ALA A 220 -24.90 31.95 -11.42
N SER A 221 -24.75 33.25 -11.24
CA SER A 221 -23.65 33.98 -11.85
C SER A 221 -22.32 33.52 -11.27
N ALA A 222 -21.27 33.63 -12.08
CA ALA A 222 -19.93 33.19 -11.72
C ALA A 222 -19.91 31.70 -11.39
N GLY A 223 -18.88 31.25 -10.69
CA GLY A 223 -18.78 29.84 -10.36
C GLY A 223 -18.62 28.99 -11.60
N GLY A 224 -19.13 27.76 -11.52
CA GLY A 224 -19.01 26.82 -12.61
C GLY A 224 -18.95 25.38 -12.13
N GLY A 225 -18.35 24.50 -12.92
CA GLY A 225 -18.26 23.10 -12.55
C GLY A 225 -19.53 22.31 -12.70
N GLY A 226 -20.52 22.83 -13.43
CA GLY A 226 -21.78 22.13 -13.59
C GLY A 226 -22.80 22.40 -12.51
N LYS A 227 -22.47 23.16 -11.49
CA LYS A 227 -23.39 23.46 -10.41
C LYS A 227 -24.07 24.81 -10.64
N GLY A 228 -25.14 25.04 -9.90
CA GLY A 228 -25.85 26.31 -9.99
C GLY A 228 -26.60 26.54 -11.28
N MET A 229 -27.01 25.47 -11.97
CA MET A 229 -27.77 25.56 -13.20
C MET A 229 -28.97 24.62 -13.09
N ARG A 230 -30.16 25.12 -13.40
CA ARG A 230 -31.34 24.28 -13.24
C ARG A 230 -32.43 24.78 -14.17
N ILE A 231 -33.17 23.82 -14.75
CA ILE A 231 -34.20 24.12 -15.73
C ILE A 231 -35.56 24.20 -15.02
N ALA A 232 -36.41 25.10 -15.49
CA ALA A 232 -37.71 25.35 -14.90
C ALA A 232 -38.74 25.52 -16.01
N TRP A 233 -39.97 25.10 -15.69
CA TRP A 233 -41.07 25.10 -16.65
C TRP A 233 -42.09 26.16 -16.28
N ASP A 234 -42.64 26.05 -15.08
CA ASP A 234 -43.79 26.85 -14.69
C ASP A 234 -43.37 28.11 -13.94
N ASP A 235 -44.34 29.01 -13.74
CA ASP A 235 -44.10 30.19 -12.93
C ASP A 235 -43.90 29.83 -11.47
N GLU A 236 -44.66 28.87 -10.95
CA GLU A 236 -44.38 28.33 -9.63
C GLU A 236 -43.00 27.67 -9.61
N GLU A 237 -42.70 26.91 -10.67
CA GLU A 237 -41.34 26.40 -10.83
C GLU A 237 -40.34 27.54 -10.93
N THR A 238 -40.71 28.61 -11.64
CA THR A 238 -39.81 29.76 -11.75
C THR A 238 -39.44 30.29 -10.37
N ARG A 239 -40.44 30.54 -9.52
CA ARG A 239 -40.17 31.17 -8.23
C ARG A 239 -39.49 30.21 -7.26
N ASP A 240 -39.90 28.94 -7.24
CA ASP A 240 -39.27 28.02 -6.29
C ASP A 240 -37.84 27.72 -6.70
N GLY A 241 -37.59 27.55 -8.00
CA GLY A 241 -36.22 27.45 -8.47
C GLY A 241 -35.42 28.70 -8.18
N PHE A 242 -36.06 29.86 -8.28
CA PHE A 242 -35.37 31.11 -7.93
C PHE A 242 -34.88 31.08 -6.50
N ARG A 243 -35.77 30.78 -5.55
CA ARG A 243 -35.35 30.79 -4.16
C ARG A 243 -34.30 29.71 -3.89
N LEU A 244 -34.51 28.50 -4.41
CA LEU A 244 -33.56 27.41 -4.19
C LEU A 244 -32.19 27.77 -4.74
N SER A 245 -32.15 28.32 -5.96
CA SER A 245 -30.91 28.78 -6.54
C SER A 245 -30.28 29.85 -5.67
N SER A 246 -31.11 30.70 -5.06
CA SER A 246 -30.58 31.73 -4.17
C SER A 246 -29.80 31.12 -3.02
N GLN A 247 -30.39 30.18 -2.27
CA GLN A 247 -29.65 29.70 -1.10
C GLN A 247 -28.49 28.81 -1.52
N GLU A 248 -28.64 28.07 -2.63
CA GLU A 248 -27.53 27.21 -3.03
C GLU A 248 -26.35 28.02 -3.57
N ALA A 249 -26.63 29.13 -4.25
CA ALA A 249 -25.56 30.02 -4.69
C ALA A 249 -24.90 30.69 -3.49
N ALA A 250 -25.70 31.06 -2.48
CA ALA A 250 -25.13 31.59 -1.25
C ALA A 250 -24.21 30.58 -0.57
N SER A 251 -24.64 29.32 -0.53
CA SER A 251 -23.84 28.29 0.14
C SER A 251 -22.60 27.92 -0.66
N SER A 252 -22.75 27.74 -1.98
CA SER A 252 -21.66 27.22 -2.79
C SER A 252 -20.83 28.35 -3.40
N PHE A 253 -21.48 29.21 -4.20
CA PHE A 253 -20.74 30.25 -4.88
C PHE A 253 -20.57 31.48 -3.98
N GLY A 254 -21.63 31.89 -3.30
CA GLY A 254 -21.61 33.10 -2.51
C GLY A 254 -21.82 34.37 -3.30
N ASP A 255 -22.00 34.27 -4.62
CA ASP A 255 -22.17 35.47 -5.44
C ASP A 255 -23.57 36.06 -5.29
N ASP A 256 -24.57 35.19 -5.14
CA ASP A 256 -25.97 35.57 -4.91
C ASP A 256 -26.60 36.19 -6.16
N ARG A 257 -25.80 36.38 -7.20
CA ARG A 257 -26.30 36.90 -8.47
C ARG A 257 -26.74 35.75 -9.37
N LEU A 258 -27.90 35.88 -9.97
CA LEU A 258 -28.49 34.83 -10.79
C LEU A 258 -28.73 35.35 -12.19
N LEU A 259 -28.34 34.54 -13.19
CA LEU A 259 -28.61 34.84 -14.59
C LEU A 259 -29.72 33.91 -15.07
N ILE A 260 -30.78 34.49 -15.63
CA ILE A 260 -31.94 33.75 -16.09
C ILE A 260 -32.08 33.95 -17.59
N GLU A 261 -32.21 32.85 -18.33
CA GLU A 261 -32.23 32.91 -19.79
C GLU A 261 -32.97 31.70 -20.33
N LYS A 262 -33.27 31.76 -21.63
CA LYS A 262 -33.97 30.66 -22.30
C LYS A 262 -33.11 29.42 -22.33
N PHE A 263 -33.75 28.26 -22.16
CA PHE A 263 -33.06 26.97 -22.26
C PHE A 263 -33.26 26.44 -23.67
N ILE A 264 -32.13 26.24 -24.38
CA ILE A 264 -32.21 25.66 -25.72
C ILE A 264 -32.47 24.16 -25.61
N ASP A 265 -33.51 23.69 -26.29
CA ASP A 265 -33.91 22.30 -26.19
C ASP A 265 -33.09 21.43 -27.12
N ASN A 266 -32.57 20.33 -26.56
CA ASN A 266 -31.75 19.35 -27.27
C ASN A 266 -30.63 20.02 -28.08
N PRO A 267 -29.70 20.71 -27.41
CA PRO A 267 -28.61 21.37 -28.14
C PRO A 267 -27.40 20.48 -28.30
N ARG A 268 -26.54 20.88 -29.23
CA ARG A 268 -25.22 20.27 -29.42
C ARG A 268 -24.19 21.25 -28.89
N HIS A 269 -23.38 20.80 -27.93
CA HIS A 269 -22.41 21.66 -27.28
C HIS A 269 -21.14 21.78 -28.10
N ILE A 270 -21.17 22.61 -29.13
CA ILE A 270 -20.01 22.77 -30.00
C ILE A 270 -19.02 23.72 -29.35
N GLU A 271 -17.74 23.57 -29.68
CA GLU A 271 -16.71 24.40 -29.09
C GLU A 271 -15.64 24.72 -30.12
N ILE A 272 -15.23 25.98 -30.15
CA ILE A 272 -14.22 26.47 -31.09
C ILE A 272 -12.97 26.85 -30.30
N GLN A 273 -11.83 26.34 -30.74
CA GLN A 273 -10.55 26.63 -30.10
C GLN A 273 -9.88 27.80 -30.81
N VAL A 274 -9.62 28.87 -30.07
CA VAL A 274 -9.02 30.08 -30.61
C VAL A 274 -7.64 30.25 -29.99
N LEU A 275 -6.73 30.85 -30.76
CA LEU A 275 -5.34 31.05 -30.35
C LEU A 275 -4.98 32.51 -30.62
N GLY A 276 -5.26 33.38 -29.64
CA GLY A 276 -4.90 34.77 -29.78
C GLY A 276 -3.46 35.04 -29.37
N ASP A 277 -2.92 36.14 -29.89
CA ASP A 277 -1.53 36.50 -29.63
C ASP A 277 -1.46 37.96 -29.15
N LYS A 278 -0.23 38.44 -28.98
CA LYS A 278 0.03 39.78 -28.50
C LYS A 278 0.01 40.83 -29.60
N HIS A 279 -0.17 40.42 -30.86
CA HIS A 279 -0.18 41.34 -31.99
C HIS A 279 -1.57 41.49 -32.60
N GLY A 280 -2.60 41.23 -31.82
CA GLY A 280 -3.97 41.42 -32.28
C GLY A 280 -4.37 40.48 -33.41
N ASN A 281 -4.01 39.21 -33.31
CA ASN A 281 -4.39 38.20 -34.28
C ASN A 281 -5.13 37.07 -33.57
N ALA A 282 -6.26 36.65 -34.13
CA ALA A 282 -7.05 35.58 -33.57
C ALA A 282 -7.31 34.53 -34.63
N LEU A 283 -6.98 33.28 -34.32
CA LEU A 283 -7.16 32.15 -35.23
C LEU A 283 -8.05 31.11 -34.58
N TRP A 284 -9.09 30.68 -35.30
CA TRP A 284 -9.98 29.64 -34.81
C TRP A 284 -9.51 28.29 -35.35
N LEU A 285 -9.20 27.36 -34.45
CA LEU A 285 -8.70 26.04 -34.84
C LEU A 285 -9.88 25.08 -34.92
N ASN A 286 -10.59 25.15 -36.05
CA ASN A 286 -11.70 24.26 -36.35
C ASN A 286 -12.74 24.26 -35.25
N GLU A 287 -13.24 23.08 -34.88
CA GLU A 287 -14.31 22.98 -33.91
C GLU A 287 -14.14 21.70 -33.11
N ARG A 288 -14.95 21.56 -32.06
CA ARG A 288 -15.03 20.34 -31.26
C ARG A 288 -16.47 20.16 -30.82
N GLU A 289 -16.80 18.93 -30.43
CA GLU A 289 -18.13 18.61 -29.91
C GLU A 289 -17.97 17.93 -28.56
N CYS A 290 -18.73 18.41 -27.58
CA CYS A 290 -18.77 17.84 -26.24
C CYS A 290 -20.21 17.56 -25.82
N SER A 291 -21.00 17.00 -26.73
CA SER A 291 -22.41 16.76 -26.45
C SER A 291 -22.59 15.73 -25.35
N ILE A 292 -21.76 14.69 -25.33
CA ILE A 292 -21.86 13.65 -24.32
C ILE A 292 -21.46 14.25 -22.98
N GLN A 293 -22.43 14.48 -22.11
CA GLN A 293 -22.18 15.12 -20.82
C GLN A 293 -22.83 14.34 -19.70
N ARG A 294 -22.26 14.48 -18.51
CA ARG A 294 -22.74 13.82 -17.30
C ARG A 294 -22.69 14.83 -16.17
N ARG A 295 -23.86 15.17 -15.63
CA ARG A 295 -23.98 16.23 -14.63
C ARG A 295 -23.41 17.54 -15.16
N ASN A 296 -23.67 17.81 -16.44
CA ASN A 296 -23.11 18.96 -17.15
C ASN A 296 -21.58 18.92 -17.12
N GLN A 297 -21.02 17.72 -17.20
CA GLN A 297 -19.59 17.54 -17.31
C GLN A 297 -19.30 16.59 -18.47
N LYS A 298 -18.39 16.99 -19.34
CA LYS A 298 -18.16 16.27 -20.59
C LYS A 298 -17.27 15.06 -20.36
N VAL A 299 -17.58 13.97 -21.06
CA VAL A 299 -16.87 12.71 -20.93
C VAL A 299 -16.31 12.21 -22.27
N VAL A 300 -17.11 12.28 -23.33
CA VAL A 300 -16.72 11.80 -24.65
C VAL A 300 -16.82 12.96 -25.62
N GLU A 301 -15.78 13.16 -26.42
CA GLU A 301 -15.68 14.30 -27.31
C GLU A 301 -15.17 13.87 -28.68
N GLU A 302 -15.57 14.64 -29.69
CA GLU A 302 -15.19 14.40 -31.08
C GLU A 302 -14.84 15.75 -31.69
N ALA A 303 -13.65 15.83 -32.32
CA ALA A 303 -13.21 17.13 -32.82
C ALA A 303 -13.95 17.52 -34.10
N PRO A 304 -13.93 16.74 -35.18
CA PRO A 304 -14.75 17.11 -36.35
C PRO A 304 -16.21 16.79 -36.10
N SER A 305 -17.02 17.83 -35.93
CA SER A 305 -18.45 17.63 -35.72
C SER A 305 -19.15 17.32 -37.04
N ILE A 306 -19.95 16.27 -37.04
CA ILE A 306 -20.61 15.82 -38.26
C ILE A 306 -21.86 16.64 -38.56
N PHE A 307 -22.61 17.02 -37.52
CA PHE A 307 -23.83 17.80 -37.73
C PHE A 307 -23.52 19.13 -38.38
N LEU A 308 -22.44 19.77 -37.94
CA LEU A 308 -22.04 21.07 -38.44
C LEU A 308 -21.36 20.95 -39.80
N ASP A 309 -21.55 21.97 -40.64
CA ASP A 309 -21.02 22.00 -42.00
C ASP A 309 -20.10 23.20 -42.19
N ALA A 310 -19.51 23.30 -43.39
CA ALA A 310 -18.42 24.23 -43.62
C ALA A 310 -18.86 25.69 -43.42
N GLU A 311 -20.04 26.05 -43.92
CA GLU A 311 -20.51 27.43 -43.77
C GLU A 311 -20.71 27.78 -42.31
N THR A 312 -21.33 26.88 -41.54
CA THR A 312 -21.49 27.11 -40.11
C THR A 312 -20.13 27.20 -39.41
N ARG A 313 -19.19 26.36 -39.83
CA ARG A 313 -17.84 26.42 -39.25
C ARG A 313 -17.20 27.78 -39.48
N ARG A 314 -17.27 28.28 -40.71
CA ARG A 314 -16.69 29.58 -41.00
C ARG A 314 -17.38 30.69 -40.23
N ALA A 315 -18.71 30.65 -40.17
CA ALA A 315 -19.44 31.69 -39.44
C ALA A 315 -19.07 31.69 -37.96
N MET A 316 -19.04 30.52 -37.35
CA MET A 316 -18.72 30.43 -35.92
C MET A 316 -17.27 30.82 -35.66
N GLY A 317 -16.35 30.44 -36.54
CA GLY A 317 -14.97 30.86 -36.39
C GLY A 317 -14.79 32.36 -36.49
N GLU A 318 -15.48 32.98 -37.45
CA GLU A 318 -15.42 34.43 -37.57
C GLU A 318 -16.00 35.11 -36.34
N GLN A 319 -17.12 34.60 -35.83
CA GLN A 319 -17.71 35.16 -34.62
C GLN A 319 -16.76 35.05 -33.43
N ALA A 320 -16.12 33.89 -33.28
CA ALA A 320 -15.18 33.70 -32.19
C ALA A 320 -13.97 34.62 -32.32
N VAL A 321 -13.45 34.78 -33.53
CA VAL A 321 -12.33 35.67 -33.76
C VAL A 321 -12.70 37.11 -33.41
N ALA A 322 -13.87 37.55 -33.87
CA ALA A 322 -14.32 38.90 -33.56
C ALA A 322 -14.48 39.11 -32.06
N LEU A 323 -15.06 38.13 -31.37
CA LEU A 323 -15.22 38.24 -29.93
C LEU A 323 -13.88 38.29 -29.23
N ALA A 324 -12.92 37.46 -29.66
CA ALA A 324 -11.60 37.46 -29.05
C ALA A 324 -10.89 38.79 -29.26
N ARG A 325 -10.98 39.36 -30.46
CA ARG A 325 -10.38 40.66 -30.71
C ARG A 325 -11.05 41.74 -29.88
N ALA A 326 -12.37 41.65 -29.68
CA ALA A 326 -13.06 42.60 -28.83
C ALA A 326 -12.56 42.51 -27.39
N VAL A 327 -12.33 41.30 -26.90
CA VAL A 327 -11.85 41.12 -25.53
C VAL A 327 -10.34 41.29 -25.43
N LYS A 328 -9.64 41.37 -26.57
CA LYS A 328 -8.18 41.49 -26.61
C LYS A 328 -7.51 40.28 -25.98
N TYR A 329 -8.02 39.08 -26.30
CA TYR A 329 -7.40 37.85 -25.86
C TYR A 329 -6.03 37.69 -26.51
N SER A 330 -5.06 37.22 -25.74
CA SER A 330 -3.69 37.10 -26.23
C SER A 330 -3.08 35.76 -25.82
N SER A 331 -3.89 34.70 -25.84
CA SER A 331 -3.41 33.36 -25.52
C SER A 331 -4.39 32.35 -26.11
N ALA A 332 -4.29 31.10 -25.67
CA ALA A 332 -5.21 30.06 -26.11
C ALA A 332 -6.49 30.11 -25.29
N GLY A 333 -7.60 29.77 -25.93
CA GLY A 333 -8.89 29.73 -25.25
C GLY A 333 -9.88 28.99 -26.11
N THR A 334 -11.10 28.86 -25.59
CA THR A 334 -12.18 28.22 -26.32
C THR A 334 -13.47 28.99 -26.11
N VAL A 335 -14.37 28.86 -27.08
CA VAL A 335 -15.69 29.47 -27.04
C VAL A 335 -16.72 28.36 -27.24
N GLU A 336 -17.72 28.32 -26.36
CA GLU A 336 -18.74 27.28 -26.37
C GLU A 336 -20.04 27.82 -26.91
N PHE A 337 -20.65 27.08 -27.84
CA PHE A 337 -21.93 27.43 -28.43
C PHE A 337 -22.88 26.23 -28.32
N LEU A 338 -24.16 26.52 -28.34
CA LEU A 338 -25.22 25.51 -28.29
C LEU A 338 -25.96 25.55 -29.62
N VAL A 339 -25.60 24.63 -30.52
CA VAL A 339 -26.22 24.59 -31.84
C VAL A 339 -27.50 23.76 -31.76
N ASP A 340 -28.61 24.35 -32.16
CA ASP A 340 -29.90 23.68 -32.12
C ASP A 340 -30.06 22.82 -33.38
N SER A 341 -31.28 22.32 -33.61
CA SER A 341 -31.54 21.53 -34.80
C SER A 341 -31.38 22.36 -36.07
N LYS A 342 -31.80 23.62 -36.03
CA LYS A 342 -31.77 24.49 -37.20
C LYS A 342 -30.46 25.26 -37.34
N LYS A 343 -29.38 24.73 -36.76
CA LYS A 343 -28.04 25.32 -36.91
C LYS A 343 -27.99 26.77 -36.43
N ASN A 344 -28.68 27.05 -35.33
CA ASN A 344 -28.63 28.36 -34.67
C ASN A 344 -27.83 28.23 -33.39
N PHE A 345 -26.68 28.91 -33.34
CA PHE A 345 -25.78 28.84 -32.20
C PHE A 345 -25.89 30.11 -31.36
N TYR A 346 -25.54 29.98 -30.09
CA TYR A 346 -25.60 31.10 -29.16
C TYR A 346 -24.44 31.01 -28.18
N PHE A 347 -23.83 32.15 -27.89
CA PHE A 347 -22.69 32.19 -26.97
C PHE A 347 -23.09 31.73 -25.58
N LEU A 348 -22.28 30.84 -24.99
CA LEU A 348 -22.50 30.36 -23.64
C LEU A 348 -21.39 30.77 -22.68
N GLU A 349 -20.15 30.45 -23.02
CA GLU A 349 -19.01 30.80 -22.17
C GLU A 349 -17.74 30.72 -23.02
N MET A 350 -16.83 31.64 -22.78
CA MET A 350 -15.53 31.63 -23.47
C MET A 350 -14.48 31.30 -22.41
N ASN A 351 -14.02 30.06 -22.42
CA ASN A 351 -13.11 29.57 -21.40
C ASN A 351 -11.74 30.23 -21.56
N THR A 352 -11.31 30.96 -20.53
CA THR A 352 -10.09 31.75 -20.58
C THR A 352 -8.91 31.00 -19.97
N ARG A 353 -8.62 29.83 -20.53
CA ARG A 353 -7.50 29.00 -20.11
C ARG A 353 -7.33 27.89 -21.13
N LEU A 354 -6.31 27.04 -20.90
CA LEU A 354 -6.11 25.87 -21.75
C LEU A 354 -7.23 24.87 -21.46
N GLN A 355 -8.13 24.71 -22.42
CA GLN A 355 -9.26 23.82 -22.25
C GLN A 355 -8.80 22.37 -22.15
N VAL A 356 -9.54 21.58 -21.36
CA VAL A 356 -9.12 20.22 -21.04
C VAL A 356 -9.10 19.35 -22.30
N GLU A 357 -10.10 19.50 -23.17
CA GLU A 357 -10.23 18.69 -24.36
C GLU A 357 -9.36 19.18 -25.51
N HIS A 358 -8.33 19.97 -25.21
CA HIS A 358 -7.45 20.49 -26.25
C HIS A 358 -6.77 19.42 -27.11
N PRO A 359 -6.28 18.29 -26.58
CA PRO A 359 -5.46 17.41 -27.43
C PRO A 359 -6.17 16.91 -28.68
N VAL A 360 -7.48 16.70 -28.61
CA VAL A 360 -8.18 16.07 -29.74
C VAL A 360 -8.05 16.93 -31.00
N THR A 361 -8.21 18.25 -30.86
CA THR A 361 -8.08 19.10 -32.04
C THR A 361 -6.65 19.09 -32.57
N GLU A 362 -5.67 18.88 -31.69
CA GLU A 362 -4.30 18.72 -32.18
C GLU A 362 -4.23 17.59 -33.19
N CYS A 363 -4.93 16.49 -32.92
CA CYS A 363 -4.90 15.34 -33.82
C CYS A 363 -5.47 15.67 -35.19
N ILE A 364 -6.30 16.70 -35.30
CA ILE A 364 -6.80 17.11 -36.61
C ILE A 364 -6.09 18.34 -37.14
N THR A 365 -5.17 18.92 -36.38
CA THR A 365 -4.43 20.10 -36.83
C THR A 365 -2.93 19.87 -36.90
N GLY A 366 -2.35 19.28 -35.85
CA GLY A 366 -0.93 19.08 -35.77
C GLY A 366 -0.15 20.16 -35.06
N LEU A 367 -0.82 21.08 -34.37
CA LEU A 367 -0.17 22.17 -33.67
C LEU A 367 -0.14 21.87 -32.18
N ASP A 368 1.03 22.03 -31.57
CA ASP A 368 1.18 21.86 -30.12
C ASP A 368 0.66 23.12 -29.44
N LEU A 369 -0.51 23.03 -28.81
CA LEU A 369 -1.15 24.22 -28.26
C LEU A 369 -0.31 24.84 -27.15
N VAL A 370 0.29 24.01 -26.29
CA VAL A 370 1.11 24.55 -25.21
C VAL A 370 2.34 25.24 -25.76
N GLN A 371 2.95 24.69 -26.81
CA GLN A 371 4.10 25.33 -27.42
C GLN A 371 3.75 26.70 -27.97
N GLU A 372 2.60 26.80 -28.65
CA GLU A 372 2.18 28.09 -29.18
C GLU A 372 1.84 29.06 -28.06
N MET A 373 1.27 28.57 -26.95
CA MET A 373 1.02 29.44 -25.81
C MET A 373 2.32 30.00 -25.26
N ILE A 374 3.34 29.15 -25.13
CA ILE A 374 4.63 29.61 -24.61
C ILE A 374 5.25 30.64 -25.55
N ARG A 375 5.22 30.35 -26.86
CA ARG A 375 5.80 31.27 -27.83
C ARG A 375 5.08 32.61 -27.82
N VAL A 376 3.75 32.59 -27.72
CA VAL A 376 3.00 33.84 -27.64
C VAL A 376 3.34 34.60 -26.37
N ALA A 377 3.44 33.88 -25.24
CA ALA A 377 3.82 34.53 -23.98
C ALA A 377 5.19 35.18 -24.09
N LYS A 378 6.10 34.58 -24.88
CA LYS A 378 7.37 35.24 -25.14
C LYS A 378 7.18 36.56 -25.87
N GLY A 379 6.26 36.59 -26.84
CA GLY A 379 5.98 37.81 -27.57
C GLY A 379 6.11 37.63 -29.07
N TYR A 380 6.46 36.43 -29.51
CA TYR A 380 6.63 36.18 -30.92
C TYR A 380 5.29 36.23 -31.65
N PRO A 381 5.28 36.68 -32.90
CA PRO A 381 4.04 36.64 -33.69
C PRO A 381 3.67 35.22 -34.06
N LEU A 382 2.38 35.03 -34.36
CA LEU A 382 1.90 33.72 -34.77
C LEU A 382 2.55 33.32 -36.09
N ARG A 383 3.03 32.08 -36.15
CA ARG A 383 3.70 31.56 -37.33
C ARG A 383 2.75 30.89 -38.31
N HIS A 384 1.45 30.92 -38.05
CA HIS A 384 0.46 30.28 -38.90
C HIS A 384 -0.60 31.28 -39.29
N LYS A 385 -1.27 31.00 -40.41
CA LYS A 385 -2.33 31.84 -40.92
C LYS A 385 -3.66 31.09 -40.85
N GLN A 386 -4.76 31.84 -41.00
CA GLN A 386 -6.07 31.22 -40.98
C GLN A 386 -6.25 30.22 -42.11
N ALA A 387 -5.68 30.51 -43.28
CA ALA A 387 -5.77 29.58 -44.40
C ALA A 387 -5.00 28.30 -44.12
N ASP A 388 -3.95 28.35 -43.30
CA ASP A 388 -3.16 27.17 -42.99
C ASP A 388 -3.93 26.17 -42.13
N ILE A 389 -4.97 26.62 -41.43
CA ILE A 389 -5.75 25.72 -40.59
C ILE A 389 -6.65 24.86 -41.46
N ARG A 390 -6.66 23.55 -41.20
CA ARG A 390 -7.45 22.61 -41.97
C ARG A 390 -7.80 21.41 -41.11
N ILE A 391 -8.60 20.52 -41.67
CA ILE A 391 -9.01 19.29 -41.00
C ILE A 391 -8.22 18.14 -41.60
N ASN A 392 -7.54 17.39 -40.74
CA ASN A 392 -6.72 16.25 -41.15
C ASN A 392 -7.23 15.02 -40.43
N GLY A 393 -7.94 14.15 -41.15
CA GLY A 393 -8.43 12.92 -40.56
C GLY A 393 -9.54 13.16 -39.56
N TRP A 394 -9.65 12.23 -38.60
CA TRP A 394 -10.70 12.25 -37.60
C TRP A 394 -10.09 11.94 -36.24
N ALA A 395 -10.70 12.47 -35.20
CA ALA A 395 -10.18 12.27 -33.84
C ALA A 395 -11.32 12.23 -32.84
N VAL A 396 -11.31 11.20 -32.00
CA VAL A 396 -12.33 11.00 -30.97
C VAL A 396 -11.62 10.65 -29.66
N GLU A 397 -12.06 11.25 -28.55
CA GLU A 397 -11.38 10.99 -27.29
C GLU A 397 -12.39 10.84 -26.16
N CYS A 398 -11.95 10.16 -25.10
CA CYS A 398 -12.78 9.86 -23.95
C CYS A 398 -11.95 10.02 -22.68
N ARG A 399 -12.58 10.56 -21.64
CA ARG A 399 -11.92 10.75 -20.35
C ARG A 399 -12.26 9.57 -19.45
N VAL A 400 -11.23 8.87 -18.98
CA VAL A 400 -11.39 7.70 -18.13
C VAL A 400 -11.23 8.17 -16.69
N TYR A 401 -12.32 8.09 -15.94
CA TYR A 401 -12.41 8.51 -14.54
C TYR A 401 -12.34 7.30 -13.62
N ALA A 402 -12.08 7.58 -12.34
CA ALA A 402 -12.11 6.56 -11.30
C ALA A 402 -13.45 6.58 -10.57
N GLU A 403 -14.51 6.27 -11.30
CA GLU A 403 -15.86 6.34 -10.77
C GLU A 403 -16.63 5.11 -11.21
N ASP A 404 -17.69 4.80 -10.46
CA ASP A 404 -18.54 3.66 -10.77
C ASP A 404 -19.64 4.09 -11.72
N PRO A 405 -19.58 3.70 -13.00
CA PRO A 405 -20.63 4.13 -13.94
C PRO A 405 -22.00 3.54 -13.65
N TYR A 406 -22.07 2.45 -12.90
CA TYR A 406 -23.36 1.83 -12.58
C TYR A 406 -24.20 2.67 -11.64
N LYS A 407 -23.58 3.55 -10.86
CA LYS A 407 -24.28 4.33 -9.84
C LYS A 407 -24.16 5.80 -10.18
N SER A 408 -25.32 6.46 -10.37
CA SER A 408 -25.38 7.89 -10.67
C SER A 408 -24.58 8.26 -11.91
N PHE A 409 -24.46 7.32 -12.86
CA PHE A 409 -23.70 7.53 -14.09
C PHE A 409 -22.26 7.92 -13.81
N GLY A 410 -21.69 7.41 -12.72
CA GLY A 410 -20.33 7.74 -12.34
C GLY A 410 -20.26 8.52 -11.05
N LEU A 411 -19.87 7.83 -9.97
CA LEU A 411 -19.69 8.46 -8.68
C LEU A 411 -18.28 8.20 -8.19
N PRO A 412 -17.59 9.22 -7.67
CA PRO A 412 -16.15 9.09 -7.38
C PRO A 412 -15.86 7.96 -6.41
N SER A 413 -14.76 7.26 -6.67
CA SER A 413 -14.31 6.17 -5.82
C SER A 413 -12.84 6.38 -5.48
N ILE A 414 -12.37 5.66 -4.47
CA ILE A 414 -10.99 5.77 -4.01
C ILE A 414 -10.40 4.37 -3.93
N GLY A 415 -9.07 4.32 -3.92
CA GLY A 415 -8.37 3.06 -3.84
C GLY A 415 -6.92 3.23 -4.24
N ARG A 416 -6.28 2.12 -4.55
CA ARG A 416 -4.90 2.09 -4.97
C ARG A 416 -4.78 1.18 -6.19
N LEU A 417 -4.04 1.64 -7.20
CA LEU A 417 -3.96 0.93 -8.47
C LEU A 417 -2.91 -0.17 -8.37
N SER A 418 -3.37 -1.41 -8.25
CA SER A 418 -2.45 -2.55 -8.21
C SER A 418 -1.90 -2.89 -9.59
N GLN A 419 -2.71 -2.73 -10.64
CA GLN A 419 -2.24 -2.98 -12.01
C GLN A 419 -2.68 -1.84 -12.91
N TYR A 420 -1.78 -1.37 -13.77
CA TYR A 420 -2.12 -0.30 -14.70
C TYR A 420 -1.27 -0.44 -15.95
N GLN A 421 -1.93 -0.66 -17.08
CA GLN A 421 -1.27 -0.72 -18.38
C GLN A 421 -2.16 -0.05 -19.42
N GLU A 422 -1.55 0.74 -20.30
CA GLU A 422 -2.18 1.48 -21.37
C GLU A 422 -1.90 0.83 -22.72
N PRO A 423 -2.81 0.98 -23.69
CA PRO A 423 -2.62 0.32 -24.99
C PRO A 423 -1.82 1.19 -25.96
N LEU A 424 -0.60 1.55 -25.55
CA LEU A 424 0.24 2.40 -26.39
C LEU A 424 0.71 1.67 -27.65
N HIS A 425 0.76 0.33 -27.60
CA HIS A 425 1.19 -0.41 -28.77
C HIS A 425 0.14 -0.44 -29.88
N LEU A 426 -1.11 -0.16 -29.55
CA LEU A 426 -2.16 -0.14 -30.57
C LEU A 426 -1.98 1.06 -31.50
N PRO A 427 -2.38 0.93 -32.75
CA PRO A 427 -2.17 2.03 -33.71
C PRO A 427 -3.09 3.22 -33.42
N GLY A 428 -2.57 4.41 -33.67
CA GLY A 428 -3.37 5.62 -33.58
C GLY A 428 -4.00 5.88 -32.23
N VAL A 429 -3.25 5.67 -31.16
CA VAL A 429 -3.76 5.86 -29.80
C VAL A 429 -2.80 6.75 -29.03
N ARG A 430 -3.33 7.79 -28.41
CA ARG A 430 -2.58 8.69 -27.56
C ARG A 430 -3.18 8.65 -26.16
N VAL A 431 -2.34 8.53 -25.14
CA VAL A 431 -2.79 8.43 -23.76
C VAL A 431 -2.13 9.56 -22.98
N ASP A 432 -2.94 10.40 -22.34
CA ASP A 432 -2.43 11.42 -21.44
C ASP A 432 -2.84 11.05 -20.03
N SER A 433 -1.86 10.87 -19.14
CA SER A 433 -2.15 10.41 -17.79
C SER A 433 -1.02 10.80 -16.86
N GLY A 434 -1.38 11.18 -15.64
CA GLY A 434 -0.42 11.37 -14.58
C GLY A 434 -0.41 10.15 -13.66
N ILE A 435 -0.90 9.04 -14.19
CA ILE A 435 -1.12 7.81 -13.42
C ILE A 435 -0.05 6.81 -13.76
N GLN A 436 0.54 6.21 -12.73
CA GLN A 436 1.50 5.12 -12.84
C GLN A 436 1.07 4.04 -11.86
N PRO A 437 1.49 2.79 -12.06
CA PRO A 437 1.15 1.74 -11.11
C PRO A 437 1.60 2.10 -9.70
N GLY A 438 0.71 1.86 -8.74
CA GLY A 438 0.93 2.28 -7.37
C GLY A 438 0.28 3.58 -7.01
N SER A 439 -0.08 4.40 -7.99
CA SER A 439 -0.76 5.66 -7.70
C SER A 439 -2.13 5.39 -7.11
N ASP A 440 -2.46 6.10 -6.04
CA ASP A 440 -3.72 5.93 -5.34
C ASP A 440 -4.64 7.12 -5.62
N ILE A 441 -5.93 6.82 -5.79
CA ILE A 441 -6.93 7.85 -6.02
C ILE A 441 -7.46 8.31 -4.68
N SER A 442 -7.36 9.61 -4.41
CA SER A 442 -7.75 10.19 -3.14
C SER A 442 -8.96 11.09 -3.32
N ILE A 443 -9.48 11.58 -2.20
CA ILE A 443 -10.63 12.49 -2.21
C ILE A 443 -10.22 13.95 -2.35
N TYR A 444 -8.93 14.26 -2.26
CA TYR A 444 -8.48 15.65 -2.30
C TYR A 444 -8.51 16.24 -3.71
N TYR A 445 -8.56 15.41 -4.74
CA TYR A 445 -8.39 15.89 -6.11
C TYR A 445 -9.46 15.27 -7.00
N ASP A 446 -9.42 15.64 -8.27
CA ASP A 446 -10.37 15.15 -9.26
C ASP A 446 -10.16 13.66 -9.49
N PRO A 447 -11.16 12.81 -9.29
CA PRO A 447 -10.99 11.36 -9.47
C PRO A 447 -10.99 10.94 -10.92
N MET A 448 -9.98 11.36 -11.67
CA MET A 448 -9.86 11.02 -13.07
C MET A 448 -8.53 10.32 -13.31
N ILE A 449 -8.56 9.28 -14.12
CA ILE A 449 -7.40 8.42 -14.35
C ILE A 449 -6.60 8.89 -15.55
N SER A 450 -7.23 9.02 -16.72
CA SER A 450 -6.48 9.31 -17.93
C SER A 450 -7.41 9.89 -18.99
N LYS A 451 -6.82 10.26 -20.12
CA LYS A 451 -7.56 10.70 -21.30
C LYS A 451 -7.03 9.93 -22.50
N LEU A 452 -7.93 9.31 -23.25
CA LEU A 452 -7.56 8.41 -24.34
C LEU A 452 -8.08 8.98 -25.65
N ILE A 453 -7.18 9.18 -26.60
CA ILE A 453 -7.47 9.83 -27.87
C ILE A 453 -7.15 8.87 -28.99
N THR A 454 -8.03 8.79 -29.99
CA THR A 454 -7.79 7.99 -31.18
C THR A 454 -7.98 8.84 -32.41
N TYR A 455 -7.09 8.66 -33.38
CA TYR A 455 -7.13 9.40 -34.63
C TYR A 455 -7.02 8.43 -35.79
N GLY A 456 -7.68 8.78 -36.89
CA GLY A 456 -7.72 7.92 -38.04
C GLY A 456 -8.06 8.69 -39.30
N SER A 457 -8.34 7.94 -40.37
CA SER A 457 -8.71 8.56 -41.64
C SER A 457 -10.13 9.10 -41.60
N ASP A 458 -11.06 8.35 -41.00
CA ASP A 458 -12.46 8.74 -40.95
C ASP A 458 -13.04 8.33 -39.61
N ARG A 459 -14.33 8.61 -39.43
CA ARG A 459 -14.96 8.41 -38.13
C ARG A 459 -15.00 6.94 -37.75
N THR A 460 -15.34 6.06 -38.70
CA THR A 460 -15.50 4.64 -38.37
C THR A 460 -14.18 4.04 -37.89
N GLU A 461 -13.08 4.36 -38.56
CA GLU A 461 -11.78 3.83 -38.15
C GLU A 461 -11.41 4.34 -36.77
N ALA A 462 -11.67 5.62 -36.50
CA ALA A 462 -11.37 6.17 -35.17
C ALA A 462 -12.19 5.48 -34.09
N LEU A 463 -13.47 5.25 -34.35
CA LEU A 463 -14.30 4.55 -33.37
C LEU A 463 -13.84 3.12 -33.15
N LYS A 464 -13.47 2.43 -34.23
CA LYS A 464 -12.97 1.06 -34.10
C LYS A 464 -11.69 1.02 -33.28
N ARG A 465 -10.77 1.95 -33.54
CA ARG A 465 -9.53 2.01 -32.77
C ARG A 465 -9.80 2.35 -31.31
N MET A 466 -10.77 3.23 -31.07
CA MET A 466 -11.16 3.56 -29.69
C MET A 466 -11.69 2.34 -28.96
N ALA A 467 -12.52 1.55 -29.63
CA ALA A 467 -13.05 0.33 -29.02
C ALA A 467 -11.91 -0.64 -28.71
N ASP A 468 -10.98 -0.81 -29.66
CA ASP A 468 -9.84 -1.69 -29.41
C ASP A 468 -9.01 -1.21 -28.22
N ALA A 469 -8.77 0.10 -28.15
CA ALA A 469 -7.97 0.66 -27.06
C ALA A 469 -8.65 0.43 -25.71
N LEU A 470 -9.97 0.67 -25.65
CA LEU A 470 -10.67 0.41 -24.39
C LEU A 470 -10.66 -1.06 -24.03
N ASP A 471 -10.76 -1.95 -25.01
CA ASP A 471 -10.65 -3.38 -24.71
C ASP A 471 -9.26 -3.76 -24.24
N ASN A 472 -8.23 -3.01 -24.63
CA ASN A 472 -6.85 -3.32 -24.28
C ASN A 472 -6.31 -2.41 -23.18
N TYR A 473 -7.15 -2.01 -22.24
CA TYR A 473 -6.77 -1.08 -21.18
C TYR A 473 -6.90 -1.80 -19.84
N VAL A 474 -5.80 -1.86 -19.09
CA VAL A 474 -5.71 -2.65 -17.87
C VAL A 474 -5.70 -1.69 -16.68
N ILE A 475 -6.77 -1.74 -15.89
CA ILE A 475 -6.86 -1.00 -14.63
C ILE A 475 -7.38 -1.96 -13.57
N ARG A 476 -6.60 -2.16 -12.51
CA ARG A 476 -6.99 -3.04 -11.42
C ARG A 476 -6.64 -2.37 -10.10
N GLY A 477 -7.66 -2.17 -9.26
CA GLY A 477 -7.49 -1.53 -7.97
C GLY A 477 -8.62 -0.59 -7.62
N VAL A 478 -9.26 0.00 -8.63
CA VAL A 478 -10.42 0.87 -8.44
C VAL A 478 -11.45 0.54 -9.51
N THR A 479 -12.62 1.15 -9.40
CA THR A 479 -13.69 0.96 -10.36
C THR A 479 -13.72 2.14 -11.32
N HIS A 480 -13.74 1.85 -12.61
CA HIS A 480 -13.66 2.86 -13.66
C HIS A 480 -14.88 2.75 -14.57
N ASN A 481 -14.97 3.70 -15.50
CA ASN A 481 -16.13 3.83 -16.39
C ASN A 481 -15.82 3.41 -17.82
N ILE A 482 -15.00 2.38 -18.01
CA ILE A 482 -14.65 1.93 -19.36
C ILE A 482 -15.88 1.36 -20.06
N ALA A 483 -16.74 0.65 -19.32
CA ALA A 483 -17.94 0.08 -19.92
C ALA A 483 -18.83 1.18 -20.49
N LEU A 484 -19.00 2.28 -19.75
CA LEU A 484 -19.80 3.40 -20.23
C LEU A 484 -19.25 3.95 -21.55
N LEU A 485 -17.94 4.20 -21.58
CA LEU A 485 -17.34 4.78 -22.79
C LEU A 485 -17.48 3.84 -23.98
N ARG A 486 -17.23 2.55 -23.76
CA ARG A 486 -17.31 1.61 -24.88
C ARG A 486 -18.74 1.48 -25.40
N GLU A 487 -19.72 1.42 -24.50
CA GLU A 487 -21.09 1.34 -24.98
C GLU A 487 -21.51 2.62 -25.69
N VAL A 488 -21.01 3.77 -25.23
CA VAL A 488 -21.31 5.02 -25.91
C VAL A 488 -20.74 5.02 -27.32
N ILE A 489 -19.49 4.60 -27.48
CA ILE A 489 -18.87 4.66 -28.80
C ILE A 489 -19.50 3.64 -29.74
N ILE A 490 -19.89 2.46 -29.23
CA ILE A 490 -20.48 1.45 -30.10
C ILE A 490 -22.00 1.57 -30.21
N ASN A 491 -22.59 2.59 -29.61
CA ASN A 491 -24.03 2.78 -29.72
C ASN A 491 -24.41 3.09 -31.17
N SER A 492 -25.59 2.61 -31.56
CA SER A 492 -26.06 2.84 -32.93
C SER A 492 -26.32 4.32 -33.18
N ARG A 493 -26.95 5.01 -32.22
CA ARG A 493 -27.24 6.43 -32.40
C ARG A 493 -25.95 7.24 -32.50
N PHE A 494 -24.96 6.93 -31.68
CA PHE A 494 -23.70 7.66 -31.72
C PHE A 494 -23.00 7.49 -33.06
N VAL A 495 -23.00 6.27 -33.59
CA VAL A 495 -22.40 6.02 -34.90
C VAL A 495 -23.17 6.76 -35.98
N LYS A 496 -24.51 6.73 -35.91
CA LYS A 496 -25.32 7.37 -36.93
C LYS A 496 -25.12 8.88 -36.94
N GLY A 497 -25.12 9.51 -35.76
CA GLY A 497 -24.87 10.93 -35.68
C GLY A 497 -25.90 11.74 -34.94
N ASP A 498 -26.92 11.08 -34.40
CA ASP A 498 -27.99 11.75 -33.66
C ASP A 498 -27.59 11.80 -32.19
N ILE A 499 -26.94 12.89 -31.80
CA ILE A 499 -26.48 13.09 -30.43
C ILE A 499 -26.90 14.47 -29.95
N SER A 500 -27.33 14.56 -28.69
CA SER A 500 -27.64 15.82 -28.05
C SER A 500 -27.02 15.80 -26.65
N THR A 501 -27.38 16.79 -25.83
CA THR A 501 -26.88 16.84 -24.47
C THR A 501 -27.60 15.88 -23.54
N LYS A 502 -28.69 15.26 -23.99
CA LYS A 502 -29.44 14.30 -23.18
C LYS A 502 -29.14 12.86 -23.59
N PHE A 503 -27.99 12.62 -24.22
CA PHE A 503 -27.70 11.29 -24.75
C PHE A 503 -27.69 10.24 -23.64
N LEU A 504 -26.91 10.48 -22.58
CA LEU A 504 -26.85 9.49 -21.51
C LEU A 504 -28.18 9.34 -20.80
N SER A 505 -28.91 10.46 -20.63
CA SER A 505 -30.18 10.39 -19.93
C SER A 505 -31.23 9.63 -20.73
N ASP A 506 -31.39 9.96 -22.02
CA ASP A 506 -32.47 9.36 -22.78
C ASP A 506 -32.13 7.94 -23.23
N VAL A 507 -30.87 7.67 -23.56
CA VAL A 507 -30.49 6.33 -24.01
C VAL A 507 -30.65 5.33 -22.87
N TYR A 508 -30.20 5.69 -21.67
CA TYR A 508 -30.38 4.84 -20.50
C TYR A 508 -31.27 5.54 -19.49
N PRO A 509 -32.60 5.47 -19.65
CA PRO A 509 -33.48 6.20 -18.72
C PRO A 509 -33.42 5.65 -17.31
N ASP A 510 -33.42 4.33 -17.14
CA ASP A 510 -33.43 3.73 -15.82
C ASP A 510 -32.05 3.68 -15.17
N GLY A 511 -31.00 4.06 -15.91
CA GLY A 511 -29.66 4.02 -15.37
C GLY A 511 -28.76 3.09 -16.15
N PHE A 512 -27.45 3.17 -15.89
CA PHE A 512 -26.51 2.30 -16.58
C PHE A 512 -26.69 0.86 -16.11
N LYS A 513 -26.84 -0.06 -17.05
CA LYS A 513 -27.12 -1.45 -16.73
C LYS A 513 -26.07 -2.43 -17.24
N GLY A 514 -25.33 -2.10 -18.27
CA GLY A 514 -24.36 -3.00 -18.86
C GLY A 514 -24.71 -3.35 -20.29
N HIS A 515 -23.78 -4.05 -20.93
CA HIS A 515 -23.88 -4.37 -22.35
C HIS A 515 -24.84 -5.55 -22.52
N MET A 516 -26.06 -5.28 -22.94
CA MET A 516 -27.02 -6.34 -23.25
C MET A 516 -26.52 -7.11 -24.47
N LEU A 517 -26.00 -8.30 -24.23
CA LEU A 517 -25.36 -9.08 -25.29
C LEU A 517 -26.37 -9.99 -25.97
N THR A 518 -26.23 -10.11 -27.29
CA THR A 518 -27.20 -10.83 -28.11
C THR A 518 -26.94 -12.34 -28.03
N LYS A 519 -27.65 -13.11 -28.85
CA LYS A 519 -27.53 -14.55 -28.81
C LYS A 519 -26.14 -15.00 -29.25
N SER A 520 -25.65 -14.48 -30.38
CA SER A 520 -24.33 -14.86 -30.85
C SER A 520 -23.24 -14.43 -29.87
N GLU A 521 -23.35 -13.22 -29.32
CA GLU A 521 -22.38 -12.77 -28.33
C GLU A 521 -22.45 -13.64 -27.07
N LYS A 522 -23.65 -14.03 -26.66
CA LYS A 522 -23.78 -14.91 -25.50
C LYS A 522 -23.10 -16.25 -25.75
N ASN A 523 -23.30 -16.82 -26.94
CA ASN A 523 -22.64 -18.07 -27.27
C ASN A 523 -21.12 -17.91 -27.28
N GLN A 524 -20.63 -16.80 -27.83
CA GLN A 524 -19.19 -16.56 -27.83
C GLN A 524 -18.65 -16.46 -26.41
N LEU A 525 -19.35 -15.74 -25.54
CA LEU A 525 -18.89 -15.61 -24.15
C LEU A 525 -18.89 -16.94 -23.44
N LEU A 526 -19.95 -17.75 -23.62
CA LEU A 526 -20.00 -19.05 -22.97
C LEU A 526 -18.89 -19.96 -23.47
N ALA A 527 -18.64 -19.96 -24.78
CA ALA A 527 -17.56 -20.77 -25.33
C ALA A 527 -16.21 -20.34 -24.78
N ILE A 528 -15.97 -19.02 -24.70
CA ILE A 528 -14.69 -18.54 -24.19
C ILE A 528 -14.51 -18.93 -22.73
N ALA A 529 -15.56 -18.77 -21.91
CA ALA A 529 -15.46 -19.12 -20.50
C ALA A 529 -15.20 -20.62 -20.33
N SER A 530 -15.92 -21.46 -21.08
CA SER A 530 -15.71 -22.90 -20.97
C SER A 530 -14.31 -23.28 -21.41
N SER A 531 -13.82 -22.68 -22.49
CA SER A 531 -12.47 -22.98 -22.95
C SER A 531 -11.43 -22.57 -21.92
N LEU A 532 -11.64 -21.41 -21.27
CA LEU A 532 -10.73 -20.98 -20.22
C LEU A 532 -10.73 -21.95 -19.04
N PHE A 533 -11.92 -22.41 -18.65
CA PHE A 533 -12.02 -23.39 -17.56
C PHE A 533 -11.26 -24.67 -17.90
N VAL A 534 -11.46 -25.18 -19.11
CA VAL A 534 -10.80 -26.43 -19.50
C VAL A 534 -9.30 -26.22 -19.61
N ALA A 535 -8.86 -25.05 -20.09
CA ALA A 535 -7.43 -24.78 -20.16
C ALA A 535 -6.81 -24.72 -18.77
N PHE A 536 -7.51 -24.14 -17.80
CA PHE A 536 -7.01 -24.13 -16.44
C PHE A 536 -6.89 -25.55 -15.89
N GLN A 537 -7.89 -26.39 -16.16
CA GLN A 537 -7.80 -27.79 -15.72
C GLN A 537 -6.60 -28.50 -16.35
N LEU A 538 -6.42 -28.32 -17.66
CA LEU A 538 -5.31 -28.98 -18.34
C LEU A 538 -3.97 -28.50 -17.81
N ARG A 539 -3.84 -27.20 -17.54
CA ARG A 539 -2.61 -26.69 -16.95
C ARG A 539 -2.39 -27.29 -15.57
N ALA A 540 -3.47 -27.46 -14.80
CA ALA A 540 -3.34 -28.08 -13.48
C ALA A 540 -2.86 -29.51 -13.59
N GLN A 541 -3.17 -30.20 -14.69
CA GLN A 541 -2.74 -31.58 -14.84
C GLN A 541 -1.25 -31.72 -15.14
N HIS A 542 -0.54 -30.62 -15.44
CA HIS A 542 0.85 -30.70 -15.88
C HIS A 542 1.78 -30.60 -14.67
N PHE A 543 2.52 -31.66 -14.40
CA PHE A 543 3.52 -31.70 -13.35
C PHE A 543 4.87 -32.06 -13.94
N GLN A 544 5.94 -31.73 -13.21
CA GLN A 544 7.27 -32.17 -13.59
C GLN A 544 7.42 -33.66 -13.32
N GLU A 545 8.33 -34.29 -14.06
CA GLU A 545 8.56 -35.72 -13.93
C GLU A 545 9.09 -36.04 -12.53
N ASN A 546 8.53 -37.08 -11.92
CA ASN A 546 8.88 -37.48 -10.55
C ASN A 546 9.90 -38.60 -10.51
N SER A 547 9.77 -39.59 -11.39
CA SER A 547 10.64 -40.76 -11.51
C SER A 547 10.49 -41.72 -10.33
N ARG A 548 9.71 -41.38 -9.32
CA ARG A 548 9.38 -42.32 -8.24
C ARG A 548 7.94 -42.80 -8.33
N MET A 549 7.00 -41.89 -8.53
CA MET A 549 5.59 -42.23 -8.77
C MET A 549 5.16 -41.52 -10.05
N PRO A 550 5.30 -42.18 -11.20
CA PRO A 550 4.97 -41.52 -12.46
C PRO A 550 3.50 -41.11 -12.52
N VAL A 551 3.26 -39.96 -13.13
CA VAL A 551 1.92 -39.39 -13.24
C VAL A 551 1.26 -39.93 -14.50
N ILE A 552 0.01 -40.36 -14.35
CA ILE A 552 -0.79 -40.89 -15.45
C ILE A 552 -1.85 -39.84 -15.76
N LYS A 553 -1.62 -39.05 -16.80
CA LYS A 553 -2.57 -38.00 -17.17
C LYS A 553 -3.87 -38.63 -17.66
N PRO A 554 -5.02 -38.20 -17.15
CA PRO A 554 -6.29 -38.78 -17.61
C PRO A 554 -6.53 -38.50 -19.08
N ASP A 555 -7.23 -39.43 -19.73
CA ASP A 555 -7.50 -39.35 -21.17
C ASP A 555 -8.91 -38.89 -21.47
N ILE A 556 -9.44 -37.96 -20.66
CA ILE A 556 -10.77 -37.43 -20.92
C ILE A 556 -10.75 -36.64 -22.23
N ALA A 557 -11.74 -36.88 -23.08
CA ALA A 557 -11.85 -36.22 -24.37
C ALA A 557 -12.90 -35.14 -24.41
N ASN A 558 -14.06 -35.36 -23.79
CA ASN A 558 -15.14 -34.38 -23.77
C ASN A 558 -15.38 -33.92 -22.34
N TRP A 559 -15.46 -32.61 -22.15
CA TRP A 559 -15.80 -32.02 -20.87
C TRP A 559 -17.24 -31.54 -20.94
N GLU A 560 -18.08 -32.05 -20.03
CA GLU A 560 -19.49 -31.70 -19.99
C GLU A 560 -19.70 -30.76 -18.80
N LEU A 561 -19.89 -29.48 -19.10
CA LEU A 561 -19.94 -28.43 -18.09
C LEU A 561 -21.32 -27.80 -18.04
N SER A 562 -21.65 -27.28 -16.87
CA SER A 562 -22.82 -26.45 -16.66
C SER A 562 -22.34 -25.05 -16.33
N VAL A 563 -22.75 -24.08 -17.15
CA VAL A 563 -22.32 -22.69 -17.00
C VAL A 563 -23.55 -21.86 -16.62
N LYS A 564 -23.52 -21.26 -15.44
CA LYS A 564 -24.59 -20.39 -14.97
C LYS A 564 -24.17 -18.95 -15.22
N LEU A 565 -24.97 -18.23 -15.99
CA LEU A 565 -24.73 -16.83 -16.33
C LEU A 565 -25.98 -16.03 -16.02
N HIS A 566 -25.80 -14.90 -15.35
CA HIS A 566 -26.91 -14.11 -14.84
C HIS A 566 -27.81 -15.00 -13.98
N ASP A 567 -28.89 -15.51 -14.55
CA ASP A 567 -29.76 -16.46 -13.89
C ASP A 567 -29.94 -17.76 -14.65
N LYS A 568 -29.61 -17.81 -15.93
CA LYS A 568 -29.82 -19.00 -16.73
C LYS A 568 -28.65 -19.97 -16.59
N VAL A 569 -28.91 -21.23 -16.96
CA VAL A 569 -27.92 -22.30 -16.92
C VAL A 569 -27.85 -22.92 -18.30
N HIS A 570 -26.64 -23.10 -18.81
CA HIS A 570 -26.41 -23.67 -20.13
C HIS A 570 -25.53 -24.91 -20.02
N THR A 571 -25.79 -25.88 -20.88
CA THR A 571 -24.99 -27.09 -20.96
C THR A 571 -23.98 -26.95 -22.09
N VAL A 572 -22.71 -27.20 -21.79
CA VAL A 572 -21.62 -26.99 -22.72
C VAL A 572 -20.84 -28.29 -22.86
N VAL A 573 -20.51 -28.66 -24.09
CA VAL A 573 -19.65 -29.80 -24.37
C VAL A 573 -18.39 -29.26 -25.03
N ALA A 574 -17.27 -29.37 -24.35
CA ALA A 574 -16.00 -28.82 -24.81
C ALA A 574 -15.03 -29.94 -25.16
N SER A 575 -14.38 -29.82 -26.30
CA SER A 575 -13.35 -30.76 -26.73
C SER A 575 -12.08 -29.99 -27.07
N ASN A 576 -10.94 -30.57 -26.74
CA ASN A 576 -9.65 -29.92 -26.93
C ASN A 576 -8.82 -30.72 -27.92
N ASN A 577 -8.24 -30.01 -28.90
CA ASN A 577 -7.28 -30.57 -29.85
C ASN A 577 -6.18 -29.53 -30.00
N GLY A 578 -5.06 -29.75 -29.32
CA GLY A 578 -3.99 -28.78 -29.32
C GLY A 578 -4.44 -27.46 -28.74
N SER A 579 -4.39 -26.41 -29.55
CA SER A 579 -4.83 -25.08 -29.15
C SER A 579 -6.23 -24.76 -29.64
N VAL A 580 -6.99 -25.74 -30.11
CA VAL A 580 -8.32 -25.53 -30.64
C VAL A 580 -9.33 -26.15 -29.69
N PHE A 581 -10.38 -25.39 -29.38
CA PHE A 581 -11.46 -25.85 -28.53
C PHE A 581 -12.75 -25.86 -29.32
N SER A 582 -13.31 -27.04 -29.53
CA SER A 582 -14.62 -27.19 -30.17
C SER A 582 -15.67 -27.21 -29.06
N VAL A 583 -16.50 -26.17 -29.01
CA VAL A 583 -17.45 -25.98 -27.92
C VAL A 583 -18.86 -26.01 -28.50
N GLU A 584 -19.68 -26.91 -27.98
CA GLU A 584 -21.08 -27.02 -28.33
C GLU A 584 -21.90 -26.46 -27.18
N VAL A 585 -22.52 -25.31 -27.42
CA VAL A 585 -23.38 -24.64 -26.44
C VAL A 585 -24.81 -24.77 -26.94
N ASP A 586 -25.62 -25.56 -26.24
CA ASP A 586 -27.04 -25.72 -26.55
C ASP A 586 -27.25 -26.09 -28.02
N GLY A 587 -26.32 -26.88 -28.56
CA GLY A 587 -26.36 -27.30 -29.95
C GLY A 587 -25.47 -26.52 -30.89
N SER A 588 -25.33 -25.21 -30.67
CA SER A 588 -24.51 -24.38 -31.54
C SER A 588 -23.04 -24.72 -31.37
N LYS A 589 -22.34 -24.91 -32.47
CA LYS A 589 -20.93 -25.29 -32.45
C LYS A 589 -20.05 -24.09 -32.76
N LEU A 590 -19.00 -23.90 -31.96
CA LEU A 590 -18.05 -22.82 -32.15
C LEU A 590 -16.65 -23.35 -31.96
N ASN A 591 -15.69 -22.66 -32.55
CA ASN A 591 -14.28 -22.99 -32.42
C ASN A 591 -13.54 -21.82 -31.79
N VAL A 592 -12.75 -22.11 -30.76
CA VAL A 592 -11.98 -21.11 -30.04
C VAL A 592 -10.51 -21.45 -30.18
N THR A 593 -9.71 -20.50 -30.64
CA THR A 593 -8.27 -20.69 -30.77
C THR A 593 -7.54 -19.50 -30.18
N SER A 594 -6.44 -19.78 -29.48
CA SER A 594 -5.62 -18.77 -28.82
C SER A 594 -4.38 -19.45 -28.29
N THR A 595 -3.41 -18.63 -27.85
CA THR A 595 -2.22 -19.18 -27.24
C THR A 595 -2.48 -19.73 -25.85
N TRP A 596 -3.59 -19.32 -25.22
CA TRP A 596 -3.98 -19.80 -23.90
C TRP A 596 -2.90 -19.55 -22.87
N ASN A 597 -2.40 -18.31 -22.86
CA ASN A 597 -1.51 -17.85 -21.79
C ASN A 597 -2.37 -17.44 -20.61
N LEU A 598 -2.31 -18.20 -19.53
CA LEU A 598 -3.20 -18.01 -18.39
C LEU A 598 -2.70 -16.96 -17.42
N ALA A 599 -1.53 -16.36 -17.66
CA ALA A 599 -0.97 -15.38 -16.74
C ALA A 599 -1.05 -13.95 -17.24
N SER A 600 -1.09 -13.73 -18.55
CA SER A 600 -1.17 -12.38 -19.07
C SER A 600 -2.53 -11.77 -18.71
N PRO A 601 -2.55 -10.51 -18.28
CA PRO A 601 -3.84 -9.88 -17.94
C PRO A 601 -4.80 -9.80 -19.12
N LEU A 602 -4.30 -9.59 -20.33
CA LEU A 602 -5.14 -9.50 -21.52
C LEU A 602 -4.99 -10.78 -22.32
N LEU A 603 -6.12 -11.38 -22.70
CA LEU A 603 -6.12 -12.61 -23.48
C LEU A 603 -6.86 -12.38 -24.79
N SER A 604 -6.22 -12.72 -25.90
CA SER A 604 -6.81 -12.59 -27.22
C SER A 604 -7.18 -13.97 -27.73
N VAL A 605 -8.44 -14.15 -28.13
CA VAL A 605 -8.93 -15.41 -28.66
C VAL A 605 -9.59 -15.13 -30.00
N SER A 606 -9.88 -16.20 -30.73
CA SER A 606 -10.54 -16.12 -32.03
C SER A 606 -11.70 -17.11 -32.05
N VAL A 607 -12.92 -16.60 -31.95
CA VAL A 607 -14.12 -17.42 -31.97
C VAL A 607 -14.74 -17.27 -33.35
N ASP A 608 -14.77 -18.38 -34.10
CA ASP A 608 -15.38 -18.41 -35.44
C ASP A 608 -14.81 -17.31 -36.33
N GLY A 609 -13.51 -17.10 -36.23
CA GLY A 609 -12.82 -16.06 -37.00
C GLY A 609 -12.82 -14.70 -36.35
N THR A 610 -13.86 -14.37 -35.60
CA THR A 610 -13.93 -13.07 -34.95
C THR A 610 -12.93 -13.02 -33.79
N GLN A 611 -12.06 -12.01 -33.81
CA GLN A 611 -11.05 -11.86 -32.78
C GLN A 611 -11.61 -11.07 -31.62
N ARG A 612 -11.45 -11.60 -30.41
CA ARG A 612 -11.97 -10.98 -29.20
C ARG A 612 -10.84 -10.84 -28.19
N THR A 613 -10.92 -9.79 -27.37
CA THR A 613 -9.96 -9.55 -26.30
C THR A 613 -10.72 -9.52 -24.97
N VAL A 614 -10.36 -10.42 -24.06
CA VAL A 614 -11.06 -10.58 -22.80
C VAL A 614 -10.05 -10.54 -21.66
N GLN A 615 -10.55 -10.24 -20.47
CA GLN A 615 -9.73 -10.23 -19.27
C GLN A 615 -10.37 -11.14 -18.23
N CYS A 616 -9.54 -11.74 -17.38
CA CYS A 616 -10.01 -12.59 -16.30
C CYS A 616 -9.66 -11.91 -14.98
N LEU A 617 -10.63 -11.24 -14.36
CA LEU A 617 -10.36 -10.45 -13.17
C LEU A 617 -10.47 -11.24 -11.88
N SER A 618 -11.07 -12.43 -11.91
CA SER A 618 -11.21 -13.24 -10.71
C SER A 618 -11.49 -14.68 -11.11
N ARG A 619 -11.06 -15.61 -10.25
CA ARG A 619 -11.27 -17.02 -10.50
C ARG A 619 -11.13 -17.77 -9.19
N GLU A 620 -12.14 -18.58 -8.86
CA GLU A 620 -12.15 -19.36 -7.62
C GLU A 620 -12.26 -20.83 -7.96
N ALA A 621 -11.76 -21.67 -7.04
CA ALA A 621 -11.85 -23.11 -7.23
C ALA A 621 -13.30 -23.58 -7.21
N GLY A 622 -14.19 -22.83 -6.56
CA GLY A 622 -15.60 -23.20 -6.53
C GLY A 622 -16.24 -23.20 -7.90
N GLY A 623 -15.84 -22.28 -8.77
CA GLY A 623 -16.39 -22.23 -10.11
C GLY A 623 -16.75 -20.82 -10.54
N ASN A 624 -16.77 -19.89 -9.60
CA ASN A 624 -17.05 -18.50 -9.93
C ASN A 624 -15.90 -17.90 -10.72
N MET A 625 -16.24 -17.07 -11.71
CA MET A 625 -15.24 -16.42 -12.54
C MET A 625 -15.80 -15.10 -13.03
N SER A 626 -15.01 -14.04 -12.87
CA SER A 626 -15.35 -12.72 -13.38
C SER A 626 -14.51 -12.45 -14.61
N ILE A 627 -15.18 -12.23 -15.74
CA ILE A 627 -14.50 -12.04 -17.02
C ILE A 627 -14.99 -10.76 -17.66
N GLN A 628 -14.07 -9.91 -18.07
CA GLN A 628 -14.39 -8.69 -18.80
C GLN A 628 -14.41 -9.01 -20.28
N PHE A 629 -15.58 -8.82 -20.90
CA PHE A 629 -15.85 -9.13 -22.29
C PHE A 629 -16.61 -7.95 -22.87
N LEU A 630 -16.12 -7.44 -24.02
CA LEU A 630 -16.72 -6.29 -24.68
C LEU A 630 -16.87 -5.09 -23.74
N GLY A 631 -15.97 -4.98 -22.78
CA GLY A 631 -15.95 -3.88 -21.85
C GLY A 631 -16.75 -4.10 -20.58
N THR A 632 -17.61 -5.11 -20.55
CA THR A 632 -18.47 -5.35 -19.40
C THR A 632 -18.00 -6.59 -18.63
N VAL A 633 -18.11 -6.53 -17.32
CA VAL A 633 -17.67 -7.63 -16.45
C VAL A 633 -18.86 -8.54 -16.18
N TYR A 634 -18.74 -9.79 -16.60
CA TYR A 634 -19.77 -10.81 -16.39
C TYR A 634 -19.27 -11.85 -15.39
N LYS A 635 -20.19 -12.31 -14.55
CA LYS A 635 -19.91 -13.34 -13.57
C LYS A 635 -20.51 -14.65 -14.05
N VAL A 636 -19.68 -15.68 -14.19
CA VAL A 636 -20.11 -16.98 -14.68
C VAL A 636 -19.67 -18.04 -13.68
N ASN A 637 -20.56 -18.95 -13.34
CA ASN A 637 -20.25 -20.06 -12.44
C ASN A 637 -20.20 -21.34 -13.27
N ILE A 638 -19.02 -21.93 -13.38
CA ILE A 638 -18.81 -23.11 -14.22
C ILE A 638 -18.58 -24.31 -13.32
N LEU A 639 -19.35 -25.38 -13.56
CA LEU A 639 -19.22 -26.62 -12.82
C LEU A 639 -19.23 -27.78 -13.82
N THR A 640 -18.89 -28.96 -13.35
CA THR A 640 -19.07 -30.13 -14.19
C THR A 640 -20.50 -30.66 -14.04
N ARG A 641 -20.89 -31.54 -14.96
CA ARG A 641 -22.26 -32.05 -14.93
C ARG A 641 -22.53 -32.81 -13.63
N LEU A 642 -21.59 -33.67 -13.23
CA LEU A 642 -21.74 -34.38 -11.96
C LEU A 642 -21.76 -33.40 -10.79
N ALA A 643 -20.89 -32.40 -10.83
CA ALA A 643 -20.87 -31.40 -9.77
C ALA A 643 -22.19 -30.63 -9.70
N ALA A 644 -22.77 -30.31 -10.87
CA ALA A 644 -24.06 -29.63 -10.87
C ALA A 644 -25.16 -30.51 -10.32
N GLU A 645 -25.18 -31.78 -10.69
CA GLU A 645 -26.19 -32.70 -10.18
C GLU A 645 -26.08 -32.85 -8.67
N LEU A 646 -24.86 -32.93 -8.14
CA LEU A 646 -24.69 -33.00 -6.70
C LEU A 646 -24.99 -31.68 -6.01
N ASN A 647 -24.72 -30.55 -6.68
CA ASN A 647 -25.01 -29.23 -6.12
C ASN A 647 -26.50 -28.97 -6.04
N LYS A 648 -27.29 -29.64 -6.88
CA LYS A 648 -28.74 -29.50 -6.77
C LYS A 648 -29.25 -29.82 -5.37
N PHE A 649 -28.56 -30.73 -4.67
CA PHE A 649 -28.99 -31.11 -3.33
C PHE A 649 -28.62 -30.09 -2.27
N MET A 650 -27.59 -29.27 -2.50
CA MET A 650 -27.12 -28.34 -1.48
C MET A 650 -28.18 -27.31 -1.15
N LEU A 651 -28.32 -27.03 0.15
CA LEU A 651 -29.30 -26.07 0.63
C LEU A 651 -28.75 -24.66 0.59
N GLU A 652 -29.65 -23.69 0.43
CA GLU A 652 -29.26 -22.29 0.44
C GLU A 652 -28.81 -21.88 1.83
N LYS A 653 -27.74 -21.11 1.90
CA LYS A 653 -27.20 -20.60 3.17
C LYS A 653 -27.64 -19.16 3.34
N VAL A 654 -28.51 -18.92 4.32
CA VAL A 654 -28.94 -17.56 4.61
C VAL A 654 -27.82 -16.82 5.33
N THR A 655 -27.49 -15.62 4.85
CA THR A 655 -26.38 -14.83 5.37
C THR A 655 -26.93 -13.56 5.99
N GLU A 656 -27.17 -13.59 7.30
CA GLU A 656 -27.65 -12.43 8.03
C GLU A 656 -26.54 -11.72 8.80
N ASP A 657 -25.67 -12.48 9.48
CA ASP A 657 -24.55 -11.93 10.23
C ASP A 657 -24.99 -10.94 11.30
N THR A 658 -24.03 -10.34 12.00
CA THR A 658 -24.33 -9.28 12.96
C THR A 658 -23.74 -7.95 12.54
N SER A 659 -22.41 -7.88 12.37
CA SER A 659 -21.70 -6.68 11.95
C SER A 659 -22.17 -5.43 12.68
N SER A 660 -22.46 -5.55 13.98
CA SER A 660 -22.98 -4.45 14.75
C SER A 660 -22.28 -4.26 16.09
N VAL A 661 -21.18 -4.95 16.33
CA VAL A 661 -20.41 -4.83 17.57
C VAL A 661 -18.95 -4.68 17.19
N LEU A 662 -18.28 -3.65 17.74
CA LEU A 662 -16.91 -3.36 17.39
C LEU A 662 -15.99 -3.69 18.56
N ARG A 663 -14.90 -4.41 18.28
CA ARG A 663 -13.97 -4.88 19.29
C ARG A 663 -12.61 -4.23 19.11
N SER A 664 -12.04 -3.74 20.21
CA SER A 664 -10.71 -3.15 20.18
C SER A 664 -9.65 -4.24 20.08
N PRO A 665 -8.74 -4.18 19.10
CA PRO A 665 -7.71 -5.22 19.00
C PRO A 665 -6.85 -5.39 20.24
N MET A 666 -6.47 -4.31 20.92
CA MET A 666 -5.69 -4.41 22.14
C MET A 666 -6.14 -3.30 23.08
N PRO A 667 -5.69 -3.33 24.33
CA PRO A 667 -5.78 -2.13 25.16
C PRO A 667 -4.99 -0.99 24.53
N GLY A 668 -5.55 0.22 24.61
CA GLY A 668 -4.90 1.39 24.04
C GLY A 668 -5.78 2.61 24.20
N VAL A 669 -5.26 3.72 23.71
CA VAL A 669 -5.92 5.02 23.80
C VAL A 669 -6.49 5.34 22.42
N VAL A 670 -7.80 5.54 22.36
CA VAL A 670 -8.46 5.88 21.11
C VAL A 670 -8.07 7.32 20.74
N VAL A 671 -7.31 7.46 19.65
CA VAL A 671 -6.78 8.78 19.30
C VAL A 671 -7.90 9.72 18.86
N ALA A 672 -8.86 9.22 18.10
CA ALA A 672 -9.95 10.06 17.61
C ALA A 672 -11.12 9.18 17.21
N VAL A 673 -12.30 9.78 17.21
CA VAL A 673 -13.52 9.14 16.76
C VAL A 673 -14.20 10.06 15.76
N SER A 674 -14.45 9.56 14.56
CA SER A 674 -15.05 10.34 13.48
C SER A 674 -16.52 10.01 13.26
N VAL A 675 -17.15 9.28 14.19
CA VAL A 675 -18.54 8.89 14.06
C VAL A 675 -19.29 9.24 15.34
N LYS A 676 -20.59 9.43 15.22
CA LYS A 676 -21.48 9.67 16.34
C LYS A 676 -22.76 8.87 16.13
N PRO A 677 -23.47 8.54 17.21
CA PRO A 677 -24.69 7.72 17.06
C PRO A 677 -25.68 8.36 16.11
N GLY A 678 -26.03 7.62 15.06
CA GLY A 678 -26.89 8.12 14.01
C GLY A 678 -26.22 8.40 12.69
N ASP A 679 -24.97 7.98 12.50
CA ASP A 679 -24.23 8.21 11.27
C ASP A 679 -24.35 6.99 10.36
N ALA A 680 -24.83 7.22 9.14
CA ALA A 680 -24.91 6.16 8.14
C ALA A 680 -23.55 5.96 7.49
N VAL A 681 -22.97 4.77 7.68
CA VAL A 681 -21.64 4.47 7.18
C VAL A 681 -21.71 3.18 6.37
N ALA A 682 -20.72 2.99 5.51
CA ALA A 682 -20.62 1.82 4.64
C ALA A 682 -19.29 1.11 4.91
N GLU A 683 -19.06 0.03 4.16
CA GLU A 683 -17.85 -0.75 4.33
C GLU A 683 -16.63 0.05 3.88
N GLY A 684 -15.52 -0.16 4.60
CA GLY A 684 -14.27 0.51 4.28
C GLY A 684 -14.06 1.82 5.00
N GLN A 685 -15.10 2.42 5.56
CA GLN A 685 -14.98 3.68 6.26
C GLN A 685 -14.49 3.44 7.68
N GLU A 686 -13.45 4.17 8.08
CA GLU A 686 -12.95 4.06 9.45
C GLU A 686 -14.01 4.52 10.43
N ILE A 687 -14.12 3.79 11.54
CA ILE A 687 -15.14 4.08 12.55
C ILE A 687 -14.49 4.82 13.72
N CYS A 688 -13.53 4.18 14.37
CA CYS A 688 -12.80 4.77 15.49
C CYS A 688 -11.34 4.37 15.37
N VAL A 689 -10.47 5.34 15.12
CA VAL A 689 -9.04 5.09 15.03
C VAL A 689 -8.47 4.98 16.44
N ILE A 690 -7.78 3.88 16.73
CA ILE A 690 -7.25 3.61 18.05
C ILE A 690 -5.73 3.67 17.98
N GLU A 691 -5.14 4.51 18.83
CA GLU A 691 -3.69 4.62 18.95
C GLU A 691 -3.21 3.60 19.97
N ALA A 692 -2.29 2.72 19.56
CA ALA A 692 -1.80 1.68 20.45
C ALA A 692 -0.34 1.39 20.11
N MET A 693 0.55 1.78 21.02
CA MET A 693 1.98 1.48 20.92
C MET A 693 2.56 2.03 19.62
N LYS A 694 2.59 3.36 19.55
CA LYS A 694 3.09 4.16 18.42
C LYS A 694 2.59 3.60 17.08
N MET A 695 1.28 3.38 17.02
CA MET A 695 0.62 2.90 15.82
C MET A 695 -0.89 3.08 15.95
N GLN A 696 -1.52 3.68 14.95
CA GLN A 696 -2.97 3.89 14.96
C GLN A 696 -3.61 2.92 13.98
N ASN A 697 -4.61 2.19 14.46
CA ASN A 697 -5.40 1.31 13.61
C ASN A 697 -6.74 1.98 13.32
N SER A 698 -7.06 2.09 12.04
CA SER A 698 -8.32 2.68 11.58
C SER A 698 -9.31 1.55 11.37
N MET A 699 -9.95 1.11 12.44
CA MET A 699 -10.90 0.01 12.35
C MET A 699 -12.17 0.46 11.66
N THR A 700 -12.72 -0.41 10.81
CA THR A 700 -13.82 -0.07 9.93
C THR A 700 -15.03 -0.95 10.20
N ALA A 701 -16.18 -0.50 9.71
CA ALA A 701 -17.43 -1.23 9.87
C ALA A 701 -17.48 -2.42 8.90
N GLY A 702 -18.08 -3.52 9.38
CA GLY A 702 -18.18 -4.70 8.55
C GLY A 702 -19.22 -4.61 7.46
N LYS A 703 -20.32 -3.90 7.72
CA LYS A 703 -21.41 -3.76 6.78
C LYS A 703 -21.87 -2.31 6.71
N THR A 704 -22.77 -2.03 5.77
CA THR A 704 -23.33 -0.69 5.61
C THR A 704 -24.51 -0.55 6.56
N GLY A 705 -24.27 0.07 7.71
CA GLY A 705 -25.30 0.29 8.70
C GLY A 705 -25.13 1.58 9.47
N THR A 706 -26.25 2.20 9.85
CA THR A 706 -26.18 3.44 10.62
C THR A 706 -25.61 3.17 12.01
N VAL A 707 -24.71 4.05 12.44
CA VAL A 707 -24.07 3.92 13.76
C VAL A 707 -25.13 4.10 14.83
N LYS A 708 -25.42 3.02 15.57
CA LYS A 708 -26.42 3.11 16.64
C LYS A 708 -25.87 3.86 17.85
N SER A 709 -24.63 3.58 18.23
CA SER A 709 -24.05 4.22 19.41
C SER A 709 -22.54 4.14 19.35
N VAL A 710 -21.88 5.20 19.83
CA VAL A 710 -20.44 5.24 19.98
C VAL A 710 -20.16 5.28 21.49
N HIS A 711 -19.94 4.11 22.08
CA HIS A 711 -19.74 4.01 23.52
C HIS A 711 -18.46 4.73 23.95
N CYS A 712 -17.38 4.57 23.20
CA CYS A 712 -16.11 5.21 23.54
C CYS A 712 -16.06 6.63 22.99
N GLN A 713 -15.12 7.40 23.51
CA GLN A 713 -14.92 8.79 23.10
C GLN A 713 -13.44 9.04 22.86
N ALA A 714 -13.14 10.21 22.31
CA ALA A 714 -11.77 10.58 22.03
C ALA A 714 -10.98 10.71 23.32
N GLY A 715 -9.71 10.30 23.27
CA GLY A 715 -8.86 10.34 24.44
C GLY A 715 -9.28 9.42 25.56
N ASP A 716 -9.74 8.22 25.22
CA ASP A 716 -10.19 7.24 26.20
C ASP A 716 -9.33 5.98 26.10
N THR A 717 -8.96 5.43 27.26
CA THR A 717 -8.17 4.21 27.34
C THR A 717 -9.09 3.02 27.55
N VAL A 718 -8.92 1.98 26.74
CA VAL A 718 -9.73 0.79 26.79
C VAL A 718 -8.83 -0.44 26.80
N GLY A 719 -9.41 -1.59 27.16
CA GLY A 719 -8.73 -2.85 27.09
C GLY A 719 -9.05 -3.62 25.82
N GLU A 720 -8.60 -4.86 25.78
CA GLU A 720 -8.84 -5.70 24.62
C GLU A 720 -10.30 -6.16 24.60
N GLY A 721 -10.94 -6.00 23.44
CA GLY A 721 -12.31 -6.46 23.26
C GLY A 721 -13.33 -5.75 24.12
N ASP A 722 -13.27 -4.42 24.18
CA ASP A 722 -14.22 -3.64 24.94
C ASP A 722 -15.34 -3.11 24.05
N LEU A 723 -16.44 -2.72 24.68
CA LEU A 723 -17.57 -2.13 23.98
C LEU A 723 -17.21 -0.74 23.47
N LEU A 724 -17.03 -0.61 22.15
CA LEU A 724 -16.64 0.65 21.55
C LEU A 724 -17.73 1.24 20.67
N VAL A 725 -18.19 0.50 19.67
CA VAL A 725 -19.19 0.99 18.72
C VAL A 725 -20.22 -0.09 18.48
N GLU A 726 -21.50 0.32 18.50
CA GLU A 726 -22.61 -0.56 18.15
C GLU A 726 -23.29 0.00 16.91
N LEU A 727 -23.43 -0.83 15.89
CA LEU A 727 -24.03 -0.45 14.63
C LEU A 727 -25.47 -0.95 14.55
N GLU A 728 -26.09 -0.79 13.39
CA GLU A 728 -27.46 -1.24 13.17
C GLU A 728 -27.60 -2.74 13.35
N ASP B 1 3.69 -17.09 -16.49
CA ASP B 1 4.04 -15.97 -15.65
C ASP B 1 5.55 -15.84 -15.52
N PRO B 2 6.12 -14.83 -16.20
CA PRO B 2 7.58 -14.68 -16.18
C PRO B 2 8.11 -14.43 -14.79
N SER B 3 9.28 -14.99 -14.51
CA SER B 3 9.91 -14.84 -13.21
C SER B 3 10.64 -13.53 -13.05
N ASP B 4 10.80 -12.75 -14.13
CA ASP B 4 11.45 -11.46 -14.06
C ASP B 4 10.46 -10.30 -14.05
N ARG B 5 9.19 -10.58 -13.81
CA ARG B 5 8.17 -9.54 -13.82
C ARG B 5 8.45 -8.48 -12.78
N LEU B 6 8.32 -7.22 -13.17
CA LEU B 6 8.52 -6.10 -12.26
C LEU B 6 7.23 -5.80 -11.51
N VAL B 7 7.38 -5.25 -10.31
CA VAL B 7 6.23 -4.90 -9.49
C VAL B 7 6.36 -3.45 -9.01
N PRO B 8 6.23 -2.47 -9.91
CA PRO B 8 6.36 -1.08 -9.49
C PRO B 8 5.29 -0.64 -8.51
N GLU B 9 4.15 -1.32 -8.46
CA GLU B 9 3.08 -0.93 -7.54
C GLU B 9 3.48 -1.06 -6.08
N LEU B 10 4.53 -1.84 -5.79
CA LEU B 10 5.04 -1.97 -4.44
C LEU B 10 6.04 -0.88 -4.09
N ASP B 11 6.39 -0.01 -5.04
CA ASP B 11 7.39 1.02 -4.76
C ASP B 11 6.92 2.09 -3.79
N THR B 12 5.62 2.20 -3.55
CA THR B 12 5.11 3.20 -2.63
C THR B 12 4.00 2.66 -1.72
N ILE B 13 3.88 1.35 -1.59
CA ILE B 13 2.80 0.78 -0.78
C ILE B 13 3.02 1.08 0.69
N VAL B 14 4.27 1.15 1.13
CA VAL B 14 4.59 1.45 2.53
C VAL B 14 4.37 2.94 2.77
N PRO B 15 3.51 3.32 3.71
CA PRO B 15 3.29 4.74 3.98
C PRO B 15 4.54 5.41 4.52
N LEU B 16 4.61 6.73 4.33
CA LEU B 16 5.80 7.48 4.70
C LEU B 16 6.08 7.38 6.20
N GLU B 17 5.06 7.58 7.02
CA GLU B 17 5.21 7.58 8.46
C GLU B 17 4.88 6.23 9.04
N SER B 18 5.57 5.86 10.12
CA SER B 18 5.36 4.58 10.77
C SER B 18 4.00 4.48 11.47
N THR B 19 3.29 5.59 11.61
CA THR B 19 2.01 5.57 12.31
C THR B 19 0.91 4.93 11.46
N LYS B 20 0.93 5.15 10.15
CA LYS B 20 -0.08 4.55 9.28
C LYS B 20 0.19 3.06 9.09
N ALA B 21 -0.77 2.39 8.47
CA ALA B 21 -0.72 0.96 8.25
C ALA B 21 -0.92 0.64 6.77
N TYR B 22 -0.68 -0.62 6.42
CA TYR B 22 -0.88 -1.11 5.06
C TYR B 22 -1.16 -2.60 5.12
N ASN B 23 -1.65 -3.14 4.01
CA ASN B 23 -2.02 -4.54 3.91
C ASN B 23 -0.87 -5.34 3.32
N MET B 24 -0.38 -6.32 4.07
CA MET B 24 0.69 -7.19 3.58
C MET B 24 0.19 -8.14 2.49
N VAL B 25 -1.09 -8.45 2.48
CA VAL B 25 -1.64 -9.35 1.47
C VAL B 25 -1.54 -8.73 0.08
N ASP B 26 -1.58 -7.40 -0.01
CA ASP B 26 -1.35 -6.75 -1.29
C ASP B 26 0.06 -7.04 -1.81
N ILE B 27 1.05 -6.96 -0.93
CA ILE B 27 2.42 -7.30 -1.31
C ILE B 27 2.50 -8.75 -1.75
N ILE B 28 1.88 -9.65 -0.97
CA ILE B 28 1.93 -11.07 -1.29
C ILE B 28 1.32 -11.34 -2.66
N HIS B 29 0.17 -10.72 -2.93
CA HIS B 29 -0.47 -10.90 -4.23
C HIS B 29 0.38 -10.34 -5.36
N SER B 30 1.01 -9.19 -5.14
CA SER B 30 1.84 -8.60 -6.18
C SER B 30 3.08 -9.45 -6.45
N VAL B 31 3.55 -10.21 -5.46
CA VAL B 31 4.81 -10.94 -5.64
C VAL B 31 4.60 -12.33 -6.23
N VAL B 32 3.59 -13.08 -5.76
CA VAL B 32 3.46 -14.49 -6.13
C VAL B 32 2.93 -14.64 -7.55
N ASP B 33 2.99 -15.87 -8.06
CA ASP B 33 2.61 -16.16 -9.44
C ASP B 33 1.11 -15.97 -9.65
N GLU B 34 0.76 -15.19 -10.67
CA GLU B 34 -0.63 -14.96 -11.08
C GLU B 34 -1.49 -14.44 -9.94
N ARG B 35 -0.87 -13.92 -8.88
CA ARG B 35 -1.57 -13.34 -7.75
C ARG B 35 -2.56 -14.31 -7.14
N GLU B 36 -2.20 -15.59 -7.11
CA GLU B 36 -3.05 -16.64 -6.56
C GLU B 36 -2.42 -17.12 -5.26
N PHE B 37 -3.14 -16.96 -4.16
CA PHE B 37 -2.62 -17.21 -2.83
C PHE B 37 -3.65 -17.96 -2.00
N PHE B 38 -3.25 -19.10 -1.44
CA PHE B 38 -4.13 -19.94 -0.64
C PHE B 38 -3.80 -19.70 0.82
N GLU B 39 -4.60 -18.88 1.49
CA GLU B 39 -4.33 -18.48 2.87
C GLU B 39 -4.83 -19.52 3.85
N ILE B 40 -4.02 -19.80 4.88
CA ILE B 40 -4.34 -20.76 5.93
C ILE B 40 -4.71 -19.98 7.18
N MET B 41 -5.82 -20.39 7.81
CA MET B 41 -6.38 -19.70 8.97
C MET B 41 -6.55 -18.19 8.73
N PRO B 42 -7.28 -17.81 7.68
CA PRO B 42 -7.39 -16.38 7.35
C PRO B 42 -8.12 -15.55 8.40
N ASN B 43 -8.90 -16.17 9.27
CA ASN B 43 -9.74 -15.44 10.21
C ASN B 43 -9.30 -15.61 11.66
N TYR B 44 -8.24 -16.35 11.92
CA TYR B 44 -7.75 -16.60 13.28
C TYR B 44 -6.34 -16.05 13.40
N ALA B 45 -6.10 -15.30 14.48
CA ALA B 45 -4.80 -14.66 14.72
C ALA B 45 -4.37 -13.86 13.49
N LYS B 46 -5.20 -12.88 13.14
CA LYS B 46 -5.06 -12.19 11.87
C LYS B 46 -3.85 -11.26 11.83
N ASN B 47 -3.15 -11.08 12.94
CA ASN B 47 -1.93 -10.26 12.92
C ASN B 47 -0.76 -10.96 12.27
N ILE B 48 -0.91 -12.21 11.85
CA ILE B 48 0.09 -12.93 11.07
C ILE B 48 -0.60 -13.60 9.91
N ILE B 49 0.11 -13.70 8.79
CA ILE B 49 -0.43 -14.27 7.56
C ILE B 49 0.44 -15.45 7.16
N VAL B 50 -0.19 -16.60 6.94
CA VAL B 50 0.50 -17.80 6.46
C VAL B 50 -0.32 -18.39 5.31
N GLY B 51 0.37 -18.97 4.35
CA GLY B 51 -0.34 -19.56 3.23
C GLY B 51 0.59 -20.24 2.25
N PHE B 52 -0.02 -20.81 1.22
CA PHE B 52 0.68 -21.47 0.13
C PHE B 52 0.54 -20.67 -1.15
N ALA B 53 1.61 -20.61 -1.91
CA ALA B 53 1.60 -19.90 -3.20
C ALA B 53 2.58 -20.60 -4.12
N ARG B 54 2.81 -20.01 -5.28
CA ARG B 54 3.76 -20.56 -6.24
C ARG B 54 4.71 -19.46 -6.71
N MET B 55 5.97 -19.83 -6.87
CA MET B 55 6.96 -18.96 -7.50
C MET B 55 7.63 -19.75 -8.60
N ASN B 56 7.50 -19.27 -9.84
CA ASN B 56 8.02 -19.96 -11.02
C ASN B 56 7.47 -21.38 -11.14
N GLY B 57 6.26 -21.60 -10.64
CA GLY B 57 5.65 -22.91 -10.65
C GLY B 57 6.01 -23.81 -9.49
N ARG B 58 6.85 -23.35 -8.57
CA ARG B 58 7.27 -24.14 -7.43
C ARG B 58 6.49 -23.71 -6.19
N THR B 59 5.97 -24.70 -5.46
CA THR B 59 5.19 -24.40 -4.26
C THR B 59 6.06 -23.75 -3.20
N VAL B 60 5.57 -22.65 -2.62
CA VAL B 60 6.26 -21.93 -1.56
C VAL B 60 5.29 -21.63 -0.44
N GLY B 61 5.84 -21.48 0.76
CA GLY B 61 5.06 -21.11 1.93
C GLY B 61 5.37 -19.67 2.32
N ILE B 62 4.32 -18.89 2.51
CA ILE B 62 4.41 -17.46 2.76
C ILE B 62 4.05 -17.21 4.22
N VAL B 63 4.91 -16.47 4.92
CA VAL B 63 4.67 -16.00 6.27
C VAL B 63 4.93 -14.50 6.29
N GLY B 64 4.12 -13.76 7.04
CA GLY B 64 4.32 -12.33 7.12
C GLY B 64 3.55 -11.74 8.28
N ASN B 65 3.95 -10.52 8.65
CA ASN B 65 3.26 -9.76 9.67
C ASN B 65 2.21 -8.86 9.02
N GLN B 66 1.07 -8.71 9.68
CA GLN B 66 0.00 -7.89 9.14
C GLN B 66 -0.10 -6.60 9.93
N PRO B 67 0.39 -5.47 9.40
CA PRO B 67 0.30 -4.21 10.14
C PRO B 67 -1.12 -3.73 10.37
N LYS B 68 -2.09 -4.15 9.55
CA LYS B 68 -3.47 -3.71 9.75
C LYS B 68 -4.03 -4.21 11.07
N VAL B 69 -3.82 -5.48 11.38
CA VAL B 69 -4.45 -6.11 12.53
C VAL B 69 -3.45 -6.14 13.67
N ALA B 70 -3.83 -5.53 14.78
CA ALA B 70 -3.03 -5.54 16.01
C ALA B 70 -1.62 -5.01 15.79
N SER B 71 -1.48 -4.02 14.91
CA SER B 71 -0.22 -3.30 14.66
C SER B 71 0.90 -4.21 14.18
N GLY B 72 0.60 -5.44 13.81
CA GLY B 72 1.63 -6.39 13.42
C GLY B 72 2.37 -7.01 14.58
N CYS B 73 1.88 -6.87 15.80
CA CYS B 73 2.57 -7.42 16.95
C CYS B 73 2.42 -8.93 17.00
N LEU B 74 3.38 -9.59 17.65
CA LEU B 74 3.32 -11.02 17.88
C LEU B 74 2.71 -11.31 19.24
N ASP B 75 1.87 -12.34 19.29
CA ASP B 75 1.27 -12.78 20.53
C ASP B 75 1.24 -14.31 20.54
N ILE B 76 0.50 -14.88 21.48
CA ILE B 76 0.46 -16.33 21.63
C ILE B 76 -0.17 -16.97 20.41
N ASN B 77 -1.35 -16.48 20.01
CA ASN B 77 -2.10 -17.11 18.94
C ASN B 77 -1.33 -17.06 17.62
N SER B 78 -0.76 -15.90 17.30
CA SER B 78 -0.02 -15.76 16.04
C SER B 78 1.23 -16.63 16.05
N SER B 79 1.93 -16.72 17.18
CA SER B 79 3.11 -17.55 17.27
C SER B 79 2.77 -19.02 17.04
N VAL B 80 1.70 -19.50 17.67
CA VAL B 80 1.32 -20.89 17.49
C VAL B 80 0.84 -21.14 16.06
N LYS B 81 0.14 -20.16 15.47
CA LYS B 81 -0.33 -20.31 14.10
C LYS B 81 0.84 -20.41 13.12
N GLY B 82 1.86 -19.58 13.31
CA GLY B 82 3.00 -19.59 12.42
C GLY B 82 3.94 -20.77 12.59
N ALA B 83 4.13 -21.19 13.85
CA ALA B 83 5.14 -22.21 14.13
C ALA B 83 4.80 -23.54 13.45
N ARG B 84 3.54 -23.98 13.55
CA ARG B 84 3.20 -25.28 12.98
C ARG B 84 3.21 -25.23 11.45
N PHE B 85 2.80 -24.10 10.86
CA PHE B 85 2.89 -23.97 9.42
C PHE B 85 4.33 -24.05 8.95
N VAL B 86 5.25 -23.36 9.65
CA VAL B 86 6.65 -23.42 9.28
C VAL B 86 7.19 -24.83 9.43
N ARG B 87 6.79 -25.51 10.51
CA ARG B 87 7.27 -26.88 10.74
C ARG B 87 6.77 -27.82 9.65
N PHE B 88 5.51 -27.68 9.24
CA PHE B 88 5.00 -28.52 8.16
C PHE B 88 5.72 -28.24 6.85
N CYS B 89 5.95 -26.97 6.54
CA CYS B 89 6.64 -26.64 5.29
C CYS B 89 8.06 -27.18 5.30
N ASP B 90 8.74 -27.14 6.45
CA ASP B 90 10.07 -27.69 6.54
C ASP B 90 10.08 -29.22 6.46
N ALA B 91 9.05 -29.87 7.01
CA ALA B 91 9.01 -31.33 7.01
C ALA B 91 8.77 -31.91 5.62
N PHE B 92 8.32 -31.11 4.66
CA PHE B 92 7.95 -31.62 3.34
C PHE B 92 8.66 -30.85 2.22
N ASN B 93 9.82 -30.29 2.51
CA ASN B 93 10.71 -29.72 1.49
C ASN B 93 10.03 -28.62 0.69
N ILE B 94 9.47 -27.63 1.40
CA ILE B 94 8.80 -26.50 0.78
C ILE B 94 9.52 -25.23 1.21
N PRO B 95 9.97 -24.39 0.29
CA PRO B 95 10.68 -23.16 0.67
C PRO B 95 9.76 -22.20 1.42
N LEU B 96 10.39 -21.34 2.22
CA LEU B 96 9.67 -20.38 3.05
C LEU B 96 10.06 -18.96 2.65
N ILE B 97 9.07 -18.08 2.53
CA ILE B 97 9.28 -16.67 2.26
C ILE B 97 8.61 -15.87 3.37
N THR B 98 9.36 -14.94 3.96
CA THR B 98 8.90 -14.16 5.10
C THR B 98 8.93 -12.68 4.77
N PHE B 99 7.88 -11.97 5.16
CA PHE B 99 7.81 -10.52 5.06
C PHE B 99 7.70 -9.98 6.48
N VAL B 100 8.65 -9.13 6.87
CA VAL B 100 8.82 -8.73 8.25
C VAL B 100 8.45 -7.27 8.41
N ASP B 101 7.41 -7.01 9.22
CA ASP B 101 7.07 -5.67 9.68
C ASP B 101 6.44 -5.83 11.06
N VAL B 102 7.27 -5.75 12.10
CA VAL B 102 6.81 -6.11 13.43
C VAL B 102 7.42 -5.16 14.47
N PRO B 103 6.60 -4.53 15.31
CA PRO B 103 7.14 -3.60 16.30
C PRO B 103 7.65 -4.30 17.54
N GLY B 104 7.12 -5.48 17.83
CA GLY B 104 7.56 -6.23 18.99
C GLY B 104 6.50 -7.23 19.41
N PHE B 105 6.61 -7.67 20.66
CA PHE B 105 5.64 -8.59 21.24
C PHE B 105 4.59 -7.81 22.01
N LEU B 106 3.36 -8.28 21.95
CA LEU B 106 2.27 -7.60 22.63
C LEU B 106 2.44 -7.72 24.13
N PRO B 107 2.46 -6.62 24.86
CA PRO B 107 2.65 -6.68 26.32
C PRO B 107 1.33 -6.75 27.07
N GLY B 108 1.45 -6.92 28.38
CA GLY B 108 0.28 -7.02 29.25
C GLY B 108 0.35 -8.23 30.15
N THR B 109 -0.45 -8.23 31.22
CA THR B 109 -0.46 -9.36 32.13
C THR B 109 -1.09 -10.60 31.49
N ALA B 110 -2.02 -10.40 30.58
CA ALA B 110 -2.67 -11.54 29.94
C ALA B 110 -1.68 -12.37 29.14
N GLN B 111 -0.80 -11.71 28.38
CA GLN B 111 0.17 -12.44 27.58
C GLN B 111 1.18 -13.18 28.45
N GLU B 112 1.64 -12.57 29.53
CA GLU B 112 2.59 -13.24 30.41
C GLU B 112 1.94 -14.40 31.14
N TYR B 113 0.71 -14.22 31.63
CA TYR B 113 0.03 -15.29 32.32
C TYR B 113 -0.29 -16.44 31.39
N GLY B 114 -0.62 -16.16 30.13
CA GLY B 114 -0.88 -17.21 29.18
C GLY B 114 0.36 -17.95 28.72
N GLY B 115 1.54 -17.45 29.05
CA GLY B 115 2.77 -18.10 28.66
C GLY B 115 3.26 -17.66 27.29
N ILE B 116 3.39 -16.35 27.10
CA ILE B 116 3.88 -15.83 25.83
C ILE B 116 5.30 -16.30 25.57
N ILE B 117 6.06 -16.55 26.63
CA ILE B 117 7.45 -16.99 26.47
C ILE B 117 7.50 -18.33 25.73
N ARG B 118 6.65 -19.27 26.14
CA ARG B 118 6.66 -20.60 25.54
C ARG B 118 6.31 -20.55 24.06
N HIS B 119 5.30 -19.76 23.69
CA HIS B 119 4.84 -19.74 22.31
C HIS B 119 5.76 -18.91 21.42
N GLY B 120 6.33 -17.82 21.93
CA GLY B 120 7.38 -17.14 21.18
C GLY B 120 8.56 -18.04 20.94
N ALA B 121 8.92 -18.86 21.94
CA ALA B 121 9.96 -19.86 21.74
C ALA B 121 9.54 -20.88 20.70
N LYS B 122 8.26 -21.24 20.65
CA LYS B 122 7.77 -22.14 19.60
C LYS B 122 8.07 -21.57 18.22
N LEU B 123 7.71 -20.30 18.00
CA LEU B 123 7.95 -19.71 16.68
C LEU B 123 9.43 -19.59 16.37
N LEU B 124 10.22 -19.16 17.34
CA LEU B 124 11.67 -19.03 17.14
C LEU B 124 12.29 -20.37 16.81
N TYR B 125 11.90 -21.42 17.54
CA TYR B 125 12.39 -22.76 17.29
C TYR B 125 11.98 -23.24 15.91
N ALA B 126 10.74 -22.98 15.51
CA ALA B 126 10.28 -23.42 14.20
C ALA B 126 11.11 -22.80 13.09
N PHE B 127 11.43 -21.50 13.21
CA PHE B 127 12.25 -20.88 12.19
C PHE B 127 13.71 -21.34 12.26
N ALA B 128 14.21 -21.65 13.45
CA ALA B 128 15.61 -22.06 13.57
C ALA B 128 15.84 -23.49 13.10
N GLU B 129 14.82 -24.35 13.20
CA GLU B 129 14.96 -25.74 12.81
C GLU B 129 14.99 -25.93 11.30
N ALA B 130 14.34 -25.03 10.55
CA ALA B 130 14.09 -25.26 9.13
C ALA B 130 15.38 -25.46 8.37
N THR B 131 15.41 -26.50 7.53
CA THR B 131 16.52 -26.76 6.63
C THR B 131 16.13 -26.57 5.17
N VAL B 132 14.93 -26.07 4.91
CA VAL B 132 14.50 -25.74 3.56
C VAL B 132 15.01 -24.34 3.26
N PRO B 133 15.12 -23.94 1.99
CA PRO B 133 15.51 -22.55 1.70
C PRO B 133 14.51 -21.57 2.29
N LYS B 134 15.04 -20.48 2.84
CA LYS B 134 14.22 -19.45 3.44
C LYS B 134 14.71 -18.09 2.99
N VAL B 135 13.79 -17.25 2.53
CA VAL B 135 14.09 -15.91 2.03
C VAL B 135 13.28 -14.91 2.83
N THR B 136 13.93 -13.88 3.34
CA THR B 136 13.29 -12.89 4.20
C THR B 136 13.42 -11.50 3.59
N VAL B 137 12.33 -10.73 3.64
CA VAL B 137 12.30 -9.35 3.18
C VAL B 137 11.71 -8.51 4.30
N ILE B 138 12.46 -7.50 4.74
CA ILE B 138 12.01 -6.59 5.79
C ILE B 138 11.43 -5.35 5.12
N THR B 139 10.16 -5.07 5.39
CA THR B 139 9.49 -3.96 4.72
C THR B 139 9.63 -2.66 5.48
N ARG B 140 9.15 -2.59 6.73
CA ARG B 140 9.32 -1.36 7.48
C ARG B 140 10.10 -1.52 8.77
N LYS B 141 9.69 -2.43 9.65
CA LYS B 141 10.17 -2.44 11.03
C LYS B 141 10.63 -3.82 11.46
N ALA B 142 11.66 -3.84 12.31
CA ALA B 142 12.09 -5.06 13.00
C ALA B 142 12.77 -4.62 14.29
N TYR B 143 12.01 -4.64 15.39
CA TYR B 143 12.50 -4.18 16.69
C TYR B 143 12.52 -5.33 17.68
N GLY B 144 13.49 -5.29 18.59
CA GLY B 144 13.53 -6.20 19.70
C GLY B 144 13.77 -7.64 19.29
N GLY B 145 13.28 -8.55 20.15
CA GLY B 145 13.40 -9.97 19.87
C GLY B 145 12.62 -10.40 18.64
N ALA B 146 11.57 -9.64 18.30
CA ALA B 146 10.80 -9.94 17.11
C ALA B 146 11.63 -9.86 15.84
N TYR B 147 12.74 -9.11 15.86
CA TYR B 147 13.59 -9.04 14.68
C TYR B 147 14.17 -10.40 14.33
N TYR B 148 14.79 -11.07 15.29
CA TYR B 148 15.40 -12.36 15.01
C TYR B 148 14.46 -13.53 15.23
N VAL B 149 13.27 -13.31 15.79
CA VAL B 149 12.26 -14.36 15.77
C VAL B 149 11.76 -14.58 14.35
N MET B 150 11.59 -13.51 13.59
CA MET B 150 11.00 -13.60 12.25
C MET B 150 12.07 -13.89 11.19
N SER B 151 12.72 -15.03 11.36
CA SER B 151 13.62 -15.61 10.36
C SER B 151 14.73 -14.63 9.96
N SER B 152 15.56 -14.30 10.94
CA SER B 152 16.73 -13.46 10.68
C SER B 152 17.83 -14.29 10.03
N LYS B 153 18.91 -13.62 9.64
CA LYS B 153 20.06 -14.32 9.09
C LYS B 153 20.72 -15.21 10.13
N HIS B 154 20.66 -14.81 11.39
CA HIS B 154 21.40 -15.46 12.45
C HIS B 154 20.80 -16.81 12.83
N LEU B 155 19.61 -17.13 12.33
CA LEU B 155 19.00 -18.45 12.45
C LEU B 155 19.29 -19.32 11.25
N CYS B 156 20.44 -19.16 10.62
CA CYS B 156 20.81 -19.85 9.38
C CYS B 156 19.85 -19.49 8.25
N GLY B 157 19.48 -18.21 8.16
CA GLY B 157 18.77 -17.74 7.00
C GLY B 157 19.65 -17.72 5.77
N ASP B 158 19.01 -17.78 4.60
CA ASP B 158 19.75 -17.88 3.35
C ASP B 158 20.03 -16.52 2.73
N THR B 159 18.97 -15.78 2.39
CA THR B 159 19.10 -14.44 1.84
C THR B 159 18.09 -13.52 2.50
N ASN B 160 18.55 -12.37 2.97
CA ASN B 160 17.68 -11.38 3.58
C ASN B 160 17.88 -10.04 2.88
N TYR B 161 16.78 -9.41 2.50
CA TYR B 161 16.80 -8.11 1.86
C TYR B 161 15.98 -7.13 2.70
N ALA B 162 16.29 -5.86 2.54
CA ALA B 162 15.55 -4.80 3.23
C ALA B 162 15.08 -3.78 2.21
N TRP B 163 13.83 -3.38 2.33
CA TRP B 163 13.31 -2.29 1.53
C TRP B 163 13.90 -0.98 2.03
N PRO B 164 13.89 0.08 1.21
CA PRO B 164 14.44 1.36 1.65
C PRO B 164 13.74 1.96 2.86
N THR B 165 12.55 1.48 3.20
CA THR B 165 11.82 1.94 4.37
C THR B 165 12.06 1.07 5.60
N ALA B 166 13.05 0.18 5.55
CA ALA B 166 13.32 -0.69 6.68
C ALA B 166 13.83 0.11 7.88
N GLU B 167 13.51 -0.39 9.07
CA GLU B 167 13.89 0.23 10.34
C GLU B 167 14.28 -0.88 11.29
N ILE B 168 15.56 -1.22 11.32
CA ILE B 168 16.08 -2.26 12.21
C ILE B 168 16.71 -1.58 13.41
N ALA B 169 16.20 -1.87 14.60
CA ALA B 169 16.70 -1.25 15.81
C ALA B 169 16.54 -2.22 16.97
N VAL B 170 17.40 -2.06 17.98
CA VAL B 170 17.29 -2.87 19.19
C VAL B 170 15.96 -2.60 19.89
N MET B 171 15.53 -1.34 19.90
CA MET B 171 14.22 -0.95 20.41
C MET B 171 14.01 0.51 20.01
N GLY B 172 12.83 1.03 20.34
CA GLY B 172 12.41 2.36 19.90
C GLY B 172 13.45 3.44 20.06
N ALA B 173 13.52 4.35 19.09
CA ALA B 173 14.55 5.38 19.11
C ALA B 173 14.49 6.22 20.38
N LYS B 174 13.27 6.64 20.77
CA LYS B 174 13.11 7.40 21.99
C LYS B 174 13.64 6.63 23.20
N GLY B 175 12.99 5.51 23.52
CA GLY B 175 13.40 4.76 24.70
C GLY B 175 14.87 4.43 24.72
N ALA B 176 15.45 4.17 23.55
CA ALA B 176 16.90 4.01 23.46
C ALA B 176 17.62 5.28 23.88
N VAL B 177 17.11 6.44 23.47
CA VAL B 177 17.76 7.69 23.82
C VAL B 177 17.72 7.92 25.33
N GLU B 178 16.56 7.74 25.95
CA GLU B 178 16.51 7.93 27.40
C GLU B 178 17.29 6.87 28.17
N ILE B 179 17.38 5.63 27.65
CA ILE B 179 18.12 4.63 28.41
C ILE B 179 19.63 4.81 28.21
N ILE B 180 20.06 5.38 27.09
CA ILE B 180 21.47 5.60 26.85
C ILE B 180 21.88 6.96 27.43
N PHE B 181 21.22 8.01 26.98
CA PHE B 181 21.50 9.38 27.43
C PHE B 181 20.62 9.76 28.61
N LYS B 182 20.63 8.93 29.66
CA LYS B 182 19.81 9.22 30.83
C LYS B 182 20.31 10.46 31.55
N GLY B 183 21.62 10.52 31.84
CA GLY B 183 22.19 11.71 32.43
C GLY B 183 22.17 12.91 31.51
N HIS B 184 22.34 12.68 30.20
CA HIS B 184 22.35 13.77 29.25
C HIS B 184 21.02 14.50 29.20
N GLU B 185 19.91 13.75 29.24
CA GLU B 185 18.53 14.25 29.25
C GLU B 185 18.34 15.40 28.28
N ASN B 186 18.99 15.32 27.12
CA ASN B 186 18.97 16.35 26.09
C ASN B 186 18.49 15.77 24.77
N VAL B 187 17.34 15.09 24.82
CA VAL B 187 16.79 14.35 23.70
C VAL B 187 16.62 15.22 22.47
N GLU B 188 16.61 16.55 22.66
CA GLU B 188 16.47 17.47 21.54
C GLU B 188 17.52 17.20 20.46
N ALA B 189 18.78 17.02 20.87
CA ALA B 189 19.83 16.65 19.95
C ALA B 189 20.15 15.16 19.97
N ALA B 190 19.93 14.50 21.12
CA ALA B 190 20.23 13.08 21.23
C ALA B 190 19.37 12.26 20.27
N GLN B 191 18.06 12.54 20.25
CA GLN B 191 17.19 11.82 19.32
C GLN B 191 17.53 12.16 17.87
N ALA B 192 17.84 13.43 17.60
CA ALA B 192 18.16 13.85 16.24
C ALA B 192 19.40 13.11 15.72
N GLU B 193 20.44 13.00 16.55
CA GLU B 193 21.62 12.26 16.12
C GLU B 193 21.38 10.75 16.12
N TYR B 194 20.45 10.27 16.96
CA TYR B 194 20.15 8.84 16.96
C TYR B 194 19.34 8.45 15.72
N ILE B 195 18.34 9.26 15.35
CA ILE B 195 17.53 8.96 14.18
C ILE B 195 18.26 9.20 12.88
N GLU B 196 19.46 9.76 12.92
CA GLU B 196 20.25 9.98 11.72
C GLU B 196 21.18 8.81 11.39
N LYS B 197 21.53 8.00 12.38
CA LYS B 197 22.43 6.88 12.19
C LYS B 197 21.77 5.52 12.37
N PHE B 198 20.74 5.44 13.21
CA PHE B 198 20.12 4.17 13.56
C PHE B 198 18.67 4.04 13.11
N ALA B 199 18.05 5.12 12.65
CA ALA B 199 16.69 5.05 12.09
C ALA B 199 16.74 4.82 10.58
N ASN B 200 17.40 3.71 10.23
CA ASN B 200 17.74 3.38 8.85
C ASN B 200 18.36 1.98 8.80
N PRO B 201 18.32 1.30 7.65
CA PRO B 201 18.82 -0.08 7.59
C PRO B 201 20.33 -0.20 7.51
N PHE B 202 21.06 0.92 7.53
CA PHE B 202 22.50 0.92 7.33
C PHE B 202 23.27 0.13 8.39
N PRO B 203 22.93 0.23 9.69
CA PRO B 203 23.66 -0.59 10.67
C PRO B 203 23.69 -2.07 10.37
N ALA B 204 22.52 -2.70 10.20
CA ALA B 204 22.50 -4.13 9.89
C ALA B 204 23.17 -4.43 8.57
N ALA B 205 23.11 -3.51 7.61
CA ALA B 205 23.76 -3.72 6.33
C ALA B 205 25.28 -3.73 6.47
N VAL B 206 25.84 -2.76 7.18
CA VAL B 206 27.28 -2.69 7.32
C VAL B 206 27.80 -3.82 8.21
N ARG B 207 27.00 -4.27 9.19
CA ARG B 207 27.36 -5.50 9.89
C ARG B 207 27.12 -6.74 9.04
N GLY B 208 26.49 -6.59 7.87
CA GLY B 208 26.23 -7.73 7.02
C GLY B 208 25.04 -8.57 7.42
N PHE B 209 24.12 -8.01 8.21
CA PHE B 209 22.94 -8.77 8.62
C PHE B 209 21.93 -8.92 7.49
N VAL B 210 21.88 -7.96 6.57
CA VAL B 210 21.07 -8.08 5.37
C VAL B 210 22.02 -8.16 4.18
N ASP B 211 21.59 -8.91 3.16
CA ASP B 211 22.44 -9.10 2.00
C ASP B 211 22.49 -7.87 1.10
N ASP B 212 21.37 -7.16 0.93
CA ASP B 212 21.37 -5.99 0.06
C ASP B 212 20.08 -5.23 0.34
N ILE B 213 20.12 -3.92 0.10
CA ILE B 213 18.94 -3.08 0.19
C ILE B 213 18.37 -2.93 -1.22
N ILE B 214 17.25 -3.59 -1.48
CA ILE B 214 16.72 -3.70 -2.82
C ILE B 214 15.54 -2.76 -2.98
N GLN B 215 15.31 -2.35 -4.23
CA GLN B 215 14.09 -1.62 -4.55
C GLN B 215 12.90 -2.57 -4.47
N PRO B 216 11.75 -2.11 -3.97
CA PRO B 216 10.59 -3.00 -3.89
C PRO B 216 10.18 -3.58 -5.22
N SER B 217 10.29 -2.82 -6.30
CA SER B 217 9.81 -3.25 -7.61
C SER B 217 10.57 -4.45 -8.16
N SER B 218 11.73 -4.77 -7.62
CA SER B 218 12.48 -5.95 -8.05
C SER B 218 12.24 -7.16 -7.17
N THR B 219 11.41 -7.03 -6.13
CA THR B 219 11.27 -8.07 -5.12
C THR B 219 11.09 -9.45 -5.74
N ARG B 220 10.01 -9.63 -6.51
CA ARG B 220 9.74 -10.92 -7.12
C ARG B 220 10.94 -11.38 -7.96
N ALA B 221 11.46 -10.50 -8.81
CA ALA B 221 12.56 -10.87 -9.68
C ALA B 221 13.76 -11.34 -8.89
N ARG B 222 13.93 -10.85 -7.66
CA ARG B 222 14.99 -11.35 -6.81
C ARG B 222 14.63 -12.73 -6.27
N ILE B 223 13.45 -12.84 -5.66
CA ILE B 223 13.13 -14.03 -4.87
C ILE B 223 13.18 -15.28 -5.75
N CYS B 224 12.52 -15.22 -6.91
CA CYS B 224 12.54 -16.35 -7.84
C CYS B 224 13.97 -16.78 -8.12
N CYS B 225 14.84 -15.82 -8.42
CA CYS B 225 16.24 -16.14 -8.70
C CYS B 225 16.84 -16.93 -7.55
N ASP B 226 16.64 -16.45 -6.32
CA ASP B 226 17.15 -17.16 -5.15
C ASP B 226 16.60 -18.57 -5.09
N LEU B 227 15.29 -18.71 -5.30
CA LEU B 227 14.68 -20.03 -5.20
C LEU B 227 15.22 -20.96 -6.27
N ASP B 228 15.76 -20.43 -7.36
CA ASP B 228 16.35 -21.31 -8.37
C ASP B 228 17.69 -21.83 -7.91
N VAL B 229 18.43 -21.03 -7.14
CA VAL B 229 19.75 -21.44 -6.69
C VAL B 229 19.64 -22.37 -5.48
N LEU B 230 18.80 -22.00 -4.52
CA LEU B 230 18.71 -22.72 -3.26
C LEU B 230 17.96 -24.04 -3.37
N ALA B 231 17.59 -24.46 -4.58
CA ALA B 231 16.87 -25.72 -4.74
C ALA B 231 17.72 -26.93 -4.37
N SER B 232 19.06 -26.80 -4.39
CA SER B 232 19.95 -27.88 -4.08
C SER B 232 20.51 -27.81 -2.66
N LYS B 233 19.93 -26.96 -1.81
CA LYS B 233 20.45 -26.76 -0.47
C LYS B 233 20.40 -28.05 0.34
N LYS B 234 21.50 -28.37 1.00
CA LYS B 234 21.58 -29.52 1.89
C LYS B 234 22.47 -29.15 3.08
N VAL B 235 21.96 -29.34 4.28
CA VAL B 235 22.70 -29.06 5.49
C VAL B 235 22.68 -30.30 6.38
N GLN B 236 23.69 -30.40 7.24
CA GLN B 236 23.86 -31.55 8.12
C GLN B 236 23.83 -31.08 9.57
N ARG B 237 23.17 -31.86 10.41
CA ARG B 237 22.94 -31.55 11.82
C ARG B 237 23.30 -32.76 12.65
N PRO B 238 23.61 -32.57 13.93
CA PRO B 238 23.92 -33.71 14.79
C PRO B 238 22.75 -34.67 14.89
N TRP B 239 23.08 -35.96 15.00
CA TRP B 239 22.06 -36.98 15.08
C TRP B 239 21.29 -36.91 16.39
N ARG B 240 20.00 -37.22 16.31
CA ARG B 240 19.14 -37.30 17.48
C ARG B 240 17.90 -38.09 17.10
N LYS B 241 17.28 -38.71 18.11
CA LYS B 241 15.99 -39.37 17.87
C LYS B 241 14.94 -38.35 17.47
N HIS B 242 14.79 -37.31 18.27
CA HIS B 242 13.92 -36.18 18.00
C HIS B 242 14.27 -35.09 18.99
N ALA B 243 13.96 -33.85 18.63
CA ALA B 243 14.29 -32.73 19.49
C ALA B 243 13.16 -32.46 20.48
N ASN B 244 13.32 -31.39 21.27
CA ASN B 244 12.38 -31.04 22.32
C ASN B 244 11.75 -29.69 21.98
N ILE B 245 10.68 -29.72 21.20
CA ILE B 245 9.88 -28.51 20.94
C ILE B 245 9.37 -27.98 22.27
N PRO B 246 9.31 -26.66 22.46
CA PRO B 246 8.89 -26.13 23.77
C PRO B 246 7.39 -26.21 24.03
N LEU B 247 6.68 -27.06 23.30
CA LEU B 247 5.21 -27.21 23.40
C LEU B 247 4.66 -27.02 24.81
N ALA C 32 62.33 -4.83 34.52
CA ALA C 32 60.96 -4.91 35.00
C ALA C 32 59.98 -5.05 33.84
N THR C 33 59.25 -6.16 33.80
CA THR C 33 58.27 -6.42 32.76
C THR C 33 56.87 -6.13 33.29
N SER C 34 56.13 -5.29 32.58
CA SER C 34 54.79 -4.94 32.99
C SER C 34 53.75 -5.97 32.55
N VAL C 35 54.13 -6.96 31.73
CA VAL C 35 53.17 -7.95 31.27
C VAL C 35 52.66 -8.80 32.42
N ASN C 36 53.55 -9.23 33.31
CA ASN C 36 53.13 -10.09 34.42
C ASN C 36 52.27 -9.33 35.42
N GLU C 37 52.66 -8.10 35.76
CA GLU C 37 51.83 -7.32 36.67
C GLU C 37 50.50 -6.95 36.03
N ARG C 38 50.47 -6.70 34.73
CA ARG C 38 49.20 -6.48 34.05
C ARG C 38 48.33 -7.72 34.10
N ILE C 39 48.92 -8.90 33.91
CA ILE C 39 48.17 -10.14 33.98
C ILE C 39 47.56 -10.31 35.37
N GLU C 40 48.36 -10.07 36.41
CA GLU C 40 47.87 -10.20 37.77
C GLU C 40 46.77 -9.19 38.07
N ASN C 41 46.93 -7.94 37.62
CA ASN C 41 45.90 -6.93 37.85
C ASN C 41 44.61 -7.29 37.13
N LYS C 42 44.71 -7.78 35.90
CA LYS C 42 43.51 -8.18 35.16
C LYS C 42 42.83 -9.37 35.84
N ARG C 43 43.61 -10.32 36.36
CA ARG C 43 43.02 -11.43 37.10
C ARG C 43 42.27 -10.92 38.33
N ARG C 44 42.91 -10.07 39.13
CA ARG C 44 42.27 -9.59 40.34
C ARG C 44 41.07 -8.71 40.03
N THR C 45 41.04 -8.06 38.86
CA THR C 45 39.86 -7.32 38.46
C THR C 45 38.74 -8.26 38.02
N ALA C 46 39.09 -9.34 37.33
CA ALA C 46 38.08 -10.30 36.89
C ALA C 46 37.42 -11.00 38.08
N LEU C 47 38.21 -11.37 39.09
CA LEU C 47 37.64 -12.05 40.25
C LEU C 47 36.69 -11.16 41.06
N LEU C 48 36.86 -9.83 40.99
CA LEU C 48 35.98 -8.91 41.69
C LEU C 48 34.95 -8.28 40.77
N GLY C 49 34.78 -8.80 39.56
CA GLY C 49 33.73 -8.32 38.68
C GLY C 49 33.87 -6.86 38.36
N GLY C 50 32.78 -6.12 38.48
CA GLY C 50 32.76 -4.71 38.14
C GLY C 50 32.88 -3.79 39.34
N GLY C 51 33.35 -4.31 40.47
CA GLY C 51 33.57 -3.47 41.63
C GLY C 51 33.32 -4.18 42.95
N GLN C 52 33.59 -3.48 44.05
CA GLN C 52 33.37 -4.02 45.39
C GLN C 52 32.06 -3.54 46.01
N ARG C 53 31.72 -2.26 45.85
CA ARG C 53 30.45 -1.78 46.38
C ARG C 53 29.28 -2.40 45.63
N ARG C 54 29.48 -2.73 44.35
CA ARG C 54 28.45 -3.47 43.63
C ARG C 54 28.27 -4.87 44.20
N ILE C 55 29.36 -5.52 44.58
CA ILE C 55 29.25 -6.84 45.21
C ILE C 55 28.55 -6.74 46.55
N ASP C 56 28.85 -5.67 47.31
CA ASP C 56 28.16 -5.46 48.58
C ASP C 56 26.66 -5.26 48.37
N ALA C 57 26.30 -4.49 47.34
CA ALA C 57 24.89 -4.31 47.01
C ALA C 57 24.24 -5.64 46.60
N GLN C 58 24.97 -6.46 45.85
CA GLN C 58 24.45 -7.75 45.43
C GLN C 58 24.20 -8.66 46.63
N HIS C 59 25.13 -8.65 47.59
CA HIS C 59 24.95 -9.50 48.77
C HIS C 59 23.90 -8.94 49.71
N LYS C 60 23.69 -7.62 49.69
CA LYS C 60 22.65 -7.03 50.53
C LYS C 60 21.27 -7.50 50.10
N ARG C 61 21.04 -7.65 48.80
CA ARG C 61 19.79 -8.18 48.29
C ARG C 61 19.64 -9.68 48.51
N GLY C 62 20.57 -10.32 49.22
CA GLY C 62 20.52 -11.75 49.42
C GLY C 62 20.99 -12.57 48.24
N LYS C 63 21.71 -11.97 47.29
CA LYS C 63 22.14 -12.65 46.08
C LYS C 63 23.63 -12.90 46.12
N LEU C 64 24.03 -14.11 45.76
CA LEU C 64 25.44 -14.45 45.63
C LEU C 64 26.01 -13.87 44.34
N THR C 65 27.33 -13.85 44.25
CA THR C 65 27.98 -13.48 43.01
C THR C 65 28.07 -14.70 42.09
N ALA C 66 28.43 -14.44 40.83
CA ALA C 66 28.47 -15.52 39.85
C ALA C 66 29.50 -16.57 40.21
N ARG C 67 30.68 -16.14 40.66
CA ARG C 67 31.73 -17.09 40.99
C ARG C 67 31.39 -17.90 42.23
N GLU C 68 30.69 -17.30 43.20
CA GLU C 68 30.21 -18.07 44.35
C GLU C 68 29.20 -19.13 43.92
N ARG C 69 28.31 -18.79 43.00
CA ARG C 69 27.35 -19.77 42.48
C ARG C 69 28.06 -20.91 41.78
N ILE C 70 29.06 -20.59 40.95
CA ILE C 70 29.81 -21.64 40.26
C ILE C 70 30.55 -22.52 41.26
N SER C 71 31.13 -21.92 42.29
CA SER C 71 31.85 -22.70 43.30
C SER C 71 30.90 -23.64 44.04
N LEU C 72 29.70 -23.17 44.38
CA LEU C 72 28.73 -24.03 45.04
C LEU C 72 28.26 -25.15 44.13
N LEU C 73 28.06 -24.86 42.84
CA LEU C 73 27.47 -25.85 41.94
C LEU C 73 28.43 -27.00 41.67
N LEU C 74 29.69 -26.70 41.36
CA LEU C 74 30.64 -27.69 40.90
C LEU C 74 31.34 -28.37 42.06
N ASP C 75 31.95 -29.52 41.76
CA ASP C 75 32.76 -30.20 42.75
C ASP C 75 33.94 -29.32 43.14
N PRO C 76 34.38 -29.35 44.40
CA PRO C 76 35.48 -28.48 44.81
C PRO C 76 36.75 -28.76 44.02
N GLY C 77 37.42 -27.69 43.61
CA GLY C 77 38.65 -27.83 42.85
C GLY C 77 38.48 -28.52 41.52
N SER C 78 37.40 -28.23 40.79
CA SER C 78 37.15 -28.84 39.50
C SER C 78 36.76 -27.84 38.42
N PHE C 79 36.50 -26.59 38.75
CA PHE C 79 36.14 -25.60 37.75
C PHE C 79 37.34 -25.22 36.90
N VAL C 80 37.16 -25.27 35.59
CA VAL C 80 38.15 -24.80 34.63
C VAL C 80 37.51 -23.67 33.85
N GLU C 81 38.01 -22.46 34.04
CA GLU C 81 37.43 -21.26 33.43
C GLU C 81 37.97 -21.06 32.03
N SER C 82 37.15 -20.46 31.17
CA SER C 82 37.54 -20.13 29.81
C SER C 82 37.13 -18.70 29.49
N ASP C 83 37.90 -18.08 28.60
CA ASP C 83 37.66 -16.71 28.14
C ASP C 83 37.64 -15.73 29.31
N MET C 84 38.64 -15.84 30.18
CA MET C 84 38.70 -15.00 31.36
C MET C 84 38.97 -13.55 31.01
N PHE C 85 39.87 -13.30 30.05
CA PHE C 85 40.28 -11.96 29.70
C PHE C 85 39.50 -11.37 28.52
N VAL C 86 38.49 -12.09 28.00
CA VAL C 86 37.76 -11.62 26.84
C VAL C 86 37.02 -10.33 27.17
N GLU C 87 37.11 -9.36 26.27
CA GLU C 87 36.62 -8.01 26.52
C GLU C 87 35.64 -7.59 25.42
N HIS C 88 34.74 -6.68 25.76
CA HIS C 88 33.82 -6.13 24.78
C HIS C 88 34.53 -5.14 23.88
N ARG C 89 34.11 -5.10 22.61
CA ARG C 89 34.77 -4.29 21.60
C ARG C 89 33.91 -3.12 21.12
N CYS C 90 32.88 -2.76 21.89
CA CYS C 90 32.05 -1.61 21.53
C CYS C 90 32.79 -0.31 21.82
N ALA C 91 32.57 0.68 20.96
CA ALA C 91 33.24 1.97 21.07
C ALA C 91 32.25 3.10 20.78
N ASP C 92 31.05 3.02 21.34
CA ASP C 92 30.03 4.02 21.13
C ASP C 92 29.52 4.53 22.47
N PHE C 93 29.14 5.81 22.50
CA PHE C 93 28.60 6.46 23.68
C PHE C 93 29.54 6.34 24.88
N GLY C 94 30.84 6.43 24.61
CA GLY C 94 31.83 6.42 25.67
C GLY C 94 32.21 5.04 26.20
N MET C 95 31.77 3.97 25.55
CA MET C 95 32.16 2.63 25.99
C MET C 95 33.63 2.34 25.80
N ALA C 96 34.35 3.18 25.04
CA ALA C 96 35.78 2.97 24.84
C ALA C 96 36.60 3.35 26.06
N ALA C 97 36.03 4.12 26.98
CA ALA C 97 36.77 4.54 28.16
C ALA C 97 37.10 3.34 29.04
N ASP C 98 38.27 3.38 29.68
CA ASP C 98 38.69 2.26 30.52
C ASP C 98 37.76 2.06 31.71
N LYS C 99 37.08 3.11 32.15
CA LYS C 99 36.07 2.95 33.19
C LYS C 99 34.92 2.07 32.74
N ASN C 100 34.75 1.91 31.43
CA ASN C 100 33.73 1.02 30.87
C ASN C 100 34.35 -0.23 30.26
N LYS C 101 35.51 -0.64 30.77
CA LYS C 101 36.21 -1.82 30.29
C LYS C 101 36.45 -2.75 31.47
N PHE C 102 35.76 -3.89 31.49
CA PHE C 102 35.85 -4.85 32.58
C PHE C 102 36.26 -6.21 32.04
N PRO C 103 37.35 -6.80 32.51
CA PRO C 103 37.70 -8.16 32.09
C PRO C 103 36.60 -9.15 32.43
N GLY C 104 36.42 -10.13 31.57
CA GLY C 104 35.38 -11.14 31.71
C GLY C 104 34.09 -10.75 31.03
N ASP C 105 33.71 -9.48 31.14
CA ASP C 105 32.54 -8.92 30.47
C ASP C 105 31.25 -9.60 30.93
N SER C 106 31.02 -9.55 32.23
CA SER C 106 29.73 -9.87 32.84
C SER C 106 29.27 -11.29 32.52
N VAL C 107 30.20 -12.23 32.40
CA VAL C 107 29.85 -13.64 32.30
C VAL C 107 31.08 -14.47 32.63
N VAL C 108 30.87 -15.54 33.39
CA VAL C 108 31.92 -16.47 33.79
C VAL C 108 31.56 -17.82 33.19
N THR C 109 32.35 -18.29 32.25
CA THR C 109 32.08 -19.53 31.54
C THR C 109 33.19 -20.53 31.78
N GLY C 110 32.83 -21.81 31.74
CA GLY C 110 33.84 -22.85 31.89
C GLY C 110 33.21 -24.22 31.95
N ARG C 111 34.01 -25.18 32.43
CA ARG C 111 33.59 -26.56 32.57
C ARG C 111 33.91 -27.04 33.97
N GLY C 112 33.33 -28.17 34.34
CA GLY C 112 33.54 -28.70 35.66
C GLY C 112 32.91 -30.07 35.79
N ARG C 113 32.90 -30.57 37.02
CA ARG C 113 32.37 -31.90 37.29
C ARG C 113 31.37 -31.84 38.45
N ILE C 114 30.28 -32.57 38.29
CA ILE C 114 29.31 -32.80 39.35
C ILE C 114 29.30 -34.30 39.62
N ASN C 115 29.68 -34.67 40.84
CA ASN C 115 29.76 -36.08 41.24
C ASN C 115 30.59 -36.90 40.26
N GLY C 116 31.62 -36.28 39.70
CA GLY C 116 32.52 -36.95 38.78
C GLY C 116 32.10 -36.95 37.33
N ARG C 117 30.98 -36.32 36.98
CA ARG C 117 30.51 -36.28 35.61
C ARG C 117 30.65 -34.88 35.03
N LEU C 118 31.04 -34.81 33.77
CA LEU C 118 31.41 -33.54 33.14
C LEU C 118 30.19 -32.69 32.82
N VAL C 119 30.32 -31.38 32.97
CA VAL C 119 29.26 -30.45 32.63
C VAL C 119 29.87 -29.09 32.32
N TYR C 120 29.31 -28.41 31.33
CA TYR C 120 29.70 -27.05 30.99
C TYR C 120 28.72 -26.06 31.62
N VAL C 121 29.24 -24.91 32.05
CA VAL C 121 28.46 -23.98 32.85
C VAL C 121 28.82 -22.55 32.48
N PHE C 122 27.82 -21.67 32.53
CA PHE C 122 28.04 -20.23 32.44
C PHE C 122 27.16 -19.52 33.47
N SER C 123 27.71 -18.49 34.08
CA SER C 123 27.01 -17.69 35.08
C SER C 123 27.11 -16.22 34.71
N GLN C 124 25.97 -15.54 34.67
CA GLN C 124 25.93 -14.15 34.25
C GLN C 124 26.13 -13.23 35.46
N ASP C 125 27.09 -12.32 35.33
CA ASP C 125 27.48 -11.44 36.43
C ASP C 125 26.68 -10.14 36.33
N PHE C 126 25.71 -9.96 37.24
CA PHE C 126 24.91 -8.75 37.26
C PHE C 126 25.72 -7.53 37.63
N THR C 127 26.92 -7.72 38.21
CA THR C 127 27.73 -6.58 38.65
C THR C 127 28.13 -5.69 37.50
N VAL C 128 28.53 -6.28 36.36
CA VAL C 128 29.07 -5.54 35.24
C VAL C 128 27.94 -5.17 34.29
N PHE C 129 27.60 -3.88 34.25
CA PHE C 129 26.60 -3.34 33.32
C PHE C 129 25.25 -4.04 33.46
N GLY C 130 24.91 -4.48 34.68
CA GLY C 130 23.66 -5.17 34.88
C GLY C 130 23.58 -6.54 34.26
N GLY C 131 24.72 -7.15 33.93
CA GLY C 131 24.71 -8.46 33.30
C GLY C 131 24.15 -8.47 31.91
N SER C 132 24.03 -7.30 31.28
CA SER C 132 23.44 -7.21 29.95
C SER C 132 24.36 -7.81 28.89
N LEU C 133 23.75 -8.37 27.85
CA LEU C 133 24.48 -9.10 26.83
C LEU C 133 25.23 -8.14 25.90
N SER C 134 26.31 -8.64 25.33
CA SER C 134 27.09 -7.92 24.34
C SER C 134 27.68 -8.93 23.37
N GLY C 135 28.60 -8.48 22.52
CA GLY C 135 29.27 -9.40 21.61
C GLY C 135 30.12 -10.42 22.34
N ALA C 136 30.92 -9.95 23.29
CA ALA C 136 31.84 -10.85 24.00
C ALA C 136 31.08 -11.84 24.87
N HIS C 137 30.03 -11.36 25.56
CA HIS C 137 29.20 -12.23 26.38
C HIS C 137 28.64 -13.39 25.57
N ALA C 138 28.01 -13.06 24.44
CA ALA C 138 27.43 -14.09 23.58
C ALA C 138 28.49 -14.98 22.99
N GLN C 139 29.65 -14.42 22.65
CA GLN C 139 30.73 -15.24 22.11
C GLN C 139 31.20 -16.28 23.11
N LYS C 140 31.34 -15.89 24.37
CA LYS C 140 31.76 -16.84 25.40
C LYS C 140 30.72 -17.94 25.59
N ILE C 141 29.44 -17.54 25.67
CA ILE C 141 28.39 -18.54 25.84
C ILE C 141 28.35 -19.50 24.65
N CYS C 142 28.47 -18.97 23.44
CA CYS C 142 28.44 -19.80 22.25
C CYS C 142 29.64 -20.74 22.20
N LYS C 143 30.81 -20.25 22.64
CA LYS C 143 31.98 -21.11 22.65
C LYS C 143 31.79 -22.30 23.57
N ILE C 144 31.27 -22.07 24.79
CA ILE C 144 31.10 -23.20 25.70
C ILE C 144 30.01 -24.13 25.20
N MET C 145 28.95 -23.59 24.59
CA MET C 145 27.90 -24.45 24.05
C MET C 145 28.44 -25.32 22.92
N ASP C 146 29.28 -24.75 22.06
CA ASP C 146 29.88 -25.53 20.98
C ASP C 146 30.79 -26.62 21.52
N GLN C 147 31.59 -26.30 22.55
CA GLN C 147 32.43 -27.32 23.15
C GLN C 147 31.58 -28.45 23.74
N ALA C 148 30.49 -28.10 24.42
CA ALA C 148 29.63 -29.10 25.02
C ALA C 148 29.00 -30.00 23.97
N ILE C 149 28.50 -29.42 22.88
CA ILE C 149 27.93 -30.26 21.84
C ILE C 149 29.00 -31.06 21.11
N THR C 150 30.25 -30.60 21.15
CA THR C 150 31.34 -31.37 20.54
C THR C 150 31.65 -32.63 21.36
N VAL C 151 31.78 -32.47 22.68
CA VAL C 151 32.15 -33.63 23.49
C VAL C 151 30.93 -34.44 23.95
N GLY C 152 29.75 -33.81 24.02
CA GLY C 152 28.56 -34.53 24.42
C GLY C 152 28.29 -34.47 25.90
N ALA C 153 28.24 -33.25 26.45
CA ALA C 153 28.01 -33.02 27.87
C ALA C 153 26.91 -31.99 28.05
N PRO C 154 26.21 -32.03 29.16
CA PRO C 154 25.11 -31.08 29.38
C PRO C 154 25.61 -29.67 29.60
N VAL C 155 24.68 -28.71 29.47
CA VAL C 155 24.95 -27.29 29.70
C VAL C 155 24.02 -26.80 30.79
N ILE C 156 24.59 -26.11 31.77
CA ILE C 156 23.83 -25.50 32.85
C ILE C 156 24.07 -24.00 32.80
N GLY C 157 23.00 -23.22 32.77
CA GLY C 157 23.12 -21.79 32.68
C GLY C 157 22.42 -21.05 33.81
N LEU C 158 23.18 -20.24 34.53
CA LEU C 158 22.62 -19.43 35.62
C LEU C 158 22.37 -18.03 35.09
N ASN C 159 21.10 -17.70 34.89
CA ASN C 159 20.71 -16.48 34.19
C ASN C 159 20.43 -15.37 35.20
N ASP C 160 21.19 -14.28 35.10
CA ASP C 160 20.94 -13.05 35.85
C ASP C 160 21.43 -11.90 34.97
N SER C 161 20.51 -11.32 34.20
CA SER C 161 20.86 -10.35 33.18
C SER C 161 19.78 -9.30 33.08
N GLY C 162 20.17 -8.03 33.23
CA GLY C 162 19.21 -6.94 33.13
C GLY C 162 18.61 -6.79 31.75
N GLY C 163 19.32 -7.27 30.73
CA GLY C 163 18.82 -7.16 29.36
C GLY C 163 19.91 -7.32 28.32
N ALA C 164 19.94 -6.39 27.36
CA ALA C 164 20.95 -6.36 26.32
C ALA C 164 21.59 -4.99 26.29
N ARG C 165 22.92 -4.94 26.14
CA ARG C 165 23.60 -3.67 26.06
C ARG C 165 23.13 -2.90 24.83
N ILE C 166 22.46 -1.78 25.08
CA ILE C 166 21.84 -1.01 24.01
C ILE C 166 22.80 -0.01 23.37
N GLN C 167 23.87 0.38 24.05
CA GLN C 167 24.87 1.23 23.42
C GLN C 167 25.52 0.53 22.24
N GLU C 168 25.81 -0.77 22.37
CA GLU C 168 26.39 -1.52 21.27
C GLU C 168 25.43 -1.61 20.08
N GLY C 169 24.15 -1.84 20.35
CA GLY C 169 23.15 -1.81 19.30
C GLY C 169 22.78 -3.15 18.71
N VAL C 170 22.58 -3.17 17.39
CA VAL C 170 22.01 -4.33 16.71
C VAL C 170 22.87 -5.57 16.92
N GLU C 171 24.19 -5.40 17.06
CA GLU C 171 25.07 -6.54 17.27
C GLU C 171 24.61 -7.36 18.46
N SER C 172 24.16 -6.68 19.53
CA SER C 172 23.68 -7.39 20.71
C SER C 172 22.58 -8.38 20.34
N LEU C 173 21.62 -7.94 19.52
CA LEU C 173 20.57 -8.85 19.07
C LEU C 173 21.17 -10.09 18.44
N ALA C 174 22.14 -9.89 17.55
CA ALA C 174 22.82 -11.01 16.90
C ALA C 174 23.29 -12.02 17.94
N GLY C 175 23.92 -11.53 19.01
CA GLY C 175 24.34 -12.38 20.10
C GLY C 175 23.23 -13.29 20.55
N TYR C 176 22.12 -12.70 21.03
CA TYR C 176 20.94 -13.47 21.37
C TYR C 176 20.66 -14.54 20.34
N ALA C 177 20.50 -14.12 19.09
CA ALA C 177 20.09 -15.05 18.05
C ALA C 177 21.08 -16.19 17.93
N ASP C 178 22.38 -15.87 17.94
CA ASP C 178 23.38 -16.92 17.87
C ASP C 178 23.14 -17.95 18.97
N ILE C 179 23.03 -17.48 20.21
CA ILE C 179 22.79 -18.37 21.33
C ILE C 179 21.54 -19.21 21.05
N PHE C 180 20.47 -18.54 20.64
CA PHE C 180 19.22 -19.25 20.41
C PHE C 180 19.41 -20.36 19.39
N LEU C 181 20.13 -20.07 18.31
CA LEU C 181 20.34 -21.08 17.29
C LEU C 181 20.96 -22.32 17.89
N ARG C 182 22.01 -22.14 18.70
CA ARG C 182 22.69 -23.28 19.28
C ARG C 182 21.74 -24.08 20.15
N ASN C 183 20.87 -23.39 20.90
CA ASN C 183 19.86 -24.09 21.70
C ASN C 183 19.06 -25.04 20.81
N VAL C 184 18.52 -24.52 19.70
CA VAL C 184 17.71 -25.36 18.84
C VAL C 184 18.56 -26.48 18.26
N THR C 185 19.84 -26.22 18.01
CA THR C 185 20.71 -27.27 17.49
C THR C 185 20.99 -28.33 18.54
N ALA C 186 21.06 -27.93 19.81
CA ALA C 186 21.40 -28.87 20.87
C ALA C 186 20.19 -29.59 21.45
N SER C 187 18.98 -29.19 21.07
CA SER C 187 17.78 -29.80 21.62
C SER C 187 17.69 -31.25 21.20
N GLY C 188 17.52 -32.14 22.19
CA GLY C 188 17.50 -33.56 21.93
C GLY C 188 18.86 -34.19 21.77
N VAL C 189 19.92 -33.41 21.84
CA VAL C 189 21.29 -33.92 21.73
C VAL C 189 21.97 -33.95 23.08
N ILE C 190 21.99 -32.82 23.78
CA ILE C 190 22.56 -32.75 25.12
C ILE C 190 21.54 -32.08 26.04
N PRO C 191 21.39 -32.52 27.28
CA PRO C 191 20.47 -31.86 28.20
C PRO C 191 20.89 -30.42 28.45
N GLN C 192 19.89 -29.53 28.57
CA GLN C 192 20.13 -28.11 28.83
C GLN C 192 19.27 -27.69 29.99
N ILE C 193 19.90 -27.10 31.01
CA ILE C 193 19.22 -26.68 32.23
C ILE C 193 19.45 -25.20 32.44
N SER C 194 18.42 -24.49 32.84
CA SER C 194 18.49 -23.06 33.12
C SER C 194 17.98 -22.79 34.53
N LEU C 195 18.74 -22.02 35.29
CA LEU C 195 18.34 -21.58 36.61
C LEU C 195 18.28 -20.06 36.61
N ILE C 196 17.10 -19.51 36.86
CA ILE C 196 16.89 -18.07 36.86
C ILE C 196 17.17 -17.56 38.27
N MET C 197 18.25 -16.81 38.42
CA MET C 197 18.69 -16.35 39.73
C MET C 197 18.61 -14.84 39.89
N GLY C 198 18.03 -14.14 38.92
CA GLY C 198 17.91 -12.71 38.98
C GLY C 198 16.93 -12.19 37.94
N PRO C 199 16.84 -10.88 37.81
CA PRO C 199 15.96 -10.31 36.78
C PRO C 199 16.40 -10.72 35.39
N CYS C 200 15.42 -10.96 34.52
CA CYS C 200 15.68 -11.33 33.13
C CYS C 200 14.55 -10.80 32.28
N ALA C 201 14.85 -9.85 31.40
CA ALA C 201 13.84 -9.18 30.59
C ALA C 201 14.27 -9.15 29.14
N GLY C 202 13.36 -8.70 28.28
CA GLY C 202 13.68 -8.55 26.88
C GLY C 202 13.84 -9.89 26.19
N GLY C 203 14.87 -9.99 25.35
CA GLY C 203 15.12 -11.23 24.64
C GLY C 203 15.75 -12.33 25.47
N ALA C 204 16.27 -11.99 26.65
CA ALA C 204 16.88 -13.01 27.51
C ALA C 204 15.81 -13.73 28.31
N VAL C 205 14.78 -14.22 27.64
CA VAL C 205 13.74 -15.02 28.27
C VAL C 205 13.51 -16.25 27.40
N TYR C 206 14.04 -16.23 26.19
CA TYR C 206 13.81 -17.30 25.24
C TYR C 206 14.85 -18.40 25.32
N SER C 207 16.07 -18.08 25.76
CA SER C 207 17.05 -19.12 26.03
C SER C 207 16.59 -20.07 27.12
N PRO C 208 16.08 -19.62 28.28
CA PRO C 208 15.50 -20.59 29.22
C PRO C 208 14.33 -21.36 28.66
N ALA C 209 13.52 -20.73 27.81
CA ALA C 209 12.36 -21.40 27.23
C ALA C 209 12.78 -22.52 26.29
N LEU C 210 13.86 -22.31 25.54
CA LEU C 210 14.33 -23.31 24.59
C LEU C 210 15.06 -24.47 25.25
N THR C 211 15.50 -24.29 26.50
CA THR C 211 16.19 -25.36 27.20
C THR C 211 15.17 -26.38 27.73
N ASP C 212 15.69 -27.52 28.20
CA ASP C 212 14.81 -28.61 28.59
C ASP C 212 14.11 -28.35 29.92
N PHE C 213 14.82 -27.80 30.90
CA PHE C 213 14.23 -27.55 32.22
C PHE C 213 14.62 -26.17 32.70
N THR C 214 13.70 -25.52 33.41
CA THR C 214 13.91 -24.18 33.94
C THR C 214 13.52 -24.14 35.41
N PHE C 215 14.41 -23.64 36.25
CA PHE C 215 14.15 -23.47 37.67
C PHE C 215 14.35 -22.01 38.04
N MET C 216 13.67 -21.59 39.10
CA MET C 216 13.73 -20.20 39.56
C MET C 216 13.94 -20.16 41.06
N VAL C 217 14.44 -19.02 41.53
CA VAL C 217 14.63 -18.77 42.95
C VAL C 217 13.54 -17.80 43.40
N LYS C 218 12.88 -18.13 44.51
CA LYS C 218 11.75 -17.33 44.96
C LYS C 218 12.21 -15.96 45.44
N ASP C 219 11.43 -14.93 45.09
CA ASP C 219 11.51 -13.55 45.56
C ASP C 219 12.69 -12.78 44.97
N THR C 220 13.58 -13.40 44.20
CA THR C 220 14.69 -12.67 43.60
C THR C 220 14.81 -12.85 42.10
N SER C 221 13.96 -13.66 41.47
CA SER C 221 14.06 -13.95 40.06
C SER C 221 12.81 -13.47 39.34
N TYR C 222 12.99 -12.91 38.14
CA TYR C 222 11.89 -12.39 37.36
C TYR C 222 12.08 -12.76 35.90
N LEU C 223 10.96 -13.04 35.23
CA LEU C 223 10.95 -13.43 33.82
C LEU C 223 9.77 -12.75 33.14
N PHE C 224 10.04 -11.71 32.36
CA PHE C 224 9.00 -11.07 31.58
C PHE C 224 9.63 -10.39 30.37
N ILE C 225 8.88 -10.33 29.28
CA ILE C 225 9.40 -9.68 28.07
C ILE C 225 9.48 -8.17 28.26
N THR C 226 8.47 -7.58 28.89
CA THR C 226 8.41 -6.14 29.09
C THR C 226 8.20 -5.83 30.56
N GLY C 227 8.87 -4.79 31.04
CA GLY C 227 8.77 -4.40 32.42
C GLY C 227 7.42 -3.79 32.77
N PRO C 228 7.16 -3.60 34.06
CA PRO C 228 5.86 -3.02 34.46
C PRO C 228 5.62 -1.63 33.93
N ASP C 229 6.67 -0.82 33.74
CA ASP C 229 6.49 0.54 33.23
C ASP C 229 5.93 0.53 31.81
N VAL C 230 6.45 -0.36 30.96
CA VAL C 230 5.93 -0.47 29.60
C VAL C 230 4.48 -0.95 29.63
N VAL C 231 4.17 -1.88 30.53
CA VAL C 231 2.80 -2.37 30.65
C VAL C 231 1.86 -1.25 31.04
N LYS C 232 2.28 -0.40 31.98
CA LYS C 232 1.48 0.76 32.37
C LYS C 232 1.33 1.73 31.21
N SER C 233 2.41 1.95 30.45
CA SER C 233 2.35 2.90 29.34
C SER C 233 1.41 2.42 28.24
N VAL C 234 1.41 1.13 27.96
CA VAL C 234 0.65 0.59 26.83
C VAL C 234 -0.72 0.11 27.27
N THR C 235 -0.74 -0.91 28.14
CA THR C 235 -2.00 -1.53 28.53
C THR C 235 -2.72 -0.76 29.64
N ASN C 236 -2.03 0.17 30.30
CA ASN C 236 -2.60 0.97 31.39
C ASN C 236 -3.14 0.04 32.48
N GLU C 237 -2.19 -0.61 33.15
CA GLU C 237 -2.50 -1.41 34.33
C GLU C 237 -1.24 -1.47 35.18
N ASP C 238 -1.37 -1.11 36.46
CA ASP C 238 -0.21 -0.97 37.34
C ASP C 238 0.01 -2.30 38.05
N VAL C 239 1.14 -2.95 37.75
CA VAL C 239 1.56 -4.17 38.41
C VAL C 239 3.02 -4.01 38.82
N THR C 240 3.45 -4.87 39.74
CA THR C 240 4.84 -4.89 40.16
C THR C 240 5.58 -6.04 39.47
N GLN C 241 6.90 -6.07 39.68
CA GLN C 241 7.71 -7.12 39.08
C GLN C 241 7.31 -8.50 39.59
N GLU C 242 7.03 -8.60 40.90
CA GLU C 242 6.80 -9.90 41.50
C GLU C 242 5.56 -10.59 40.94
N GLU C 243 4.49 -9.84 40.75
CA GLU C 243 3.26 -10.43 40.23
C GLU C 243 3.22 -10.48 38.70
N LEU C 244 4.20 -9.87 38.03
CA LEU C 244 4.24 -9.94 36.58
C LEU C 244 5.16 -11.04 36.07
N GLY C 245 6.31 -11.24 36.73
CA GLY C 245 7.23 -12.27 36.30
C GLY C 245 7.90 -13.03 37.42
N GLY C 246 7.31 -13.03 38.60
CA GLY C 246 7.91 -13.67 39.75
C GLY C 246 7.89 -15.18 39.66
N ALA C 247 8.60 -15.80 40.59
CA ALA C 247 8.70 -17.26 40.60
C ALA C 247 7.34 -17.91 40.83
N LYS C 248 6.53 -17.34 41.73
CA LYS C 248 5.20 -17.89 41.95
C LYS C 248 4.34 -17.79 40.70
N THR C 249 4.43 -16.67 39.99
CA THR C 249 3.63 -16.49 38.77
C THR C 249 4.01 -17.52 37.71
N HIS C 250 5.30 -17.76 37.53
CA HIS C 250 5.75 -18.66 36.47
C HIS C 250 5.77 -20.12 36.89
N THR C 251 5.57 -20.42 38.17
CA THR C 251 5.51 -21.79 38.63
C THR C 251 4.11 -22.25 38.99
N THR C 252 3.15 -21.35 39.14
CA THR C 252 1.80 -21.73 39.52
C THR C 252 0.75 -21.44 38.45
N MET C 253 0.94 -20.44 37.60
CA MET C 253 -0.11 -20.08 36.65
C MET C 253 0.41 -19.76 35.26
N SER C 254 1.67 -20.05 34.96
CA SER C 254 2.22 -19.73 33.65
C SER C 254 2.74 -20.96 32.93
N GLY C 255 3.20 -21.95 33.69
CA GLY C 255 3.72 -23.14 33.07
C GLY C 255 5.05 -22.98 32.38
N VAL C 256 5.80 -21.92 32.70
CA VAL C 256 7.09 -21.68 32.08
C VAL C 256 8.21 -22.31 32.89
N ALA C 257 8.20 -22.11 34.21
CA ALA C 257 9.21 -22.68 35.09
C ALA C 257 8.74 -24.01 35.65
N HIS C 258 9.70 -24.87 35.97
CA HIS C 258 9.40 -26.21 36.45
C HIS C 258 9.42 -26.34 37.96
N ARG C 259 10.35 -25.67 38.64
CA ARG C 259 10.41 -25.69 40.09
C ARG C 259 10.90 -24.34 40.59
N ALA C 260 10.61 -24.06 41.86
CA ALA C 260 11.08 -22.86 42.52
C ALA C 260 11.72 -23.24 43.85
N PHE C 261 12.77 -22.50 44.22
CA PHE C 261 13.53 -22.80 45.42
C PHE C 261 13.63 -21.56 46.30
N GLU C 262 13.86 -21.79 47.59
CA GLU C 262 13.79 -20.71 48.56
C GLU C 262 14.92 -19.71 48.39
N ASN C 263 16.16 -20.19 48.26
CA ASN C 263 17.31 -19.31 48.08
C ASN C 263 18.31 -19.98 47.16
N ASP C 264 19.44 -19.31 46.95
CA ASP C 264 20.42 -19.76 45.97
C ASP C 264 21.13 -21.02 46.42
N VAL C 265 21.45 -21.14 47.70
CA VAL C 265 22.15 -22.33 48.20
C VAL C 265 21.29 -23.57 48.01
N ASP C 266 20.03 -23.49 48.43
CA ASP C 266 19.10 -24.61 48.25
C ASP C 266 18.88 -24.90 46.77
N ALA C 267 18.79 -23.85 45.96
CA ALA C 267 18.59 -24.04 44.53
C ALA C 267 19.76 -24.80 43.91
N LEU C 268 20.98 -24.47 44.29
CA LEU C 268 22.14 -25.15 43.71
C LEU C 268 22.27 -26.57 44.22
N CYS C 269 21.96 -26.81 45.50
CA CYS C 269 21.97 -28.17 46.02
C CYS C 269 20.95 -29.04 45.27
N ASN C 270 19.74 -28.52 45.10
CA ASN C 270 18.72 -29.27 44.37
C ASN C 270 19.10 -29.42 42.90
N LEU C 271 19.82 -28.45 42.34
CA LEU C 271 20.29 -28.58 40.96
C LEU C 271 21.28 -29.73 40.82
N ARG C 272 22.19 -29.87 41.78
CA ARG C 272 23.10 -31.01 41.76
C ARG C 272 22.32 -32.33 41.86
N ASP C 273 21.36 -32.37 42.79
CA ASP C 273 20.55 -33.58 42.96
C ASP C 273 19.82 -33.93 41.66
N PHE C 274 19.26 -32.93 41.00
CA PHE C 274 18.56 -33.17 39.74
C PHE C 274 19.52 -33.59 38.64
N PHE C 275 20.72 -33.00 38.61
CA PHE C 275 21.68 -33.33 37.57
C PHE C 275 22.14 -34.77 37.66
N ASN C 276 22.19 -35.33 38.88
CA ASN C 276 22.60 -36.73 39.00
C ASN C 276 21.69 -37.68 38.23
N TYR C 277 20.46 -37.28 37.92
CA TYR C 277 19.51 -38.17 37.26
C TYR C 277 19.80 -38.35 35.77
N LEU C 278 20.17 -37.29 35.08
CA LEU C 278 20.15 -37.25 33.63
C LEU C 278 21.40 -37.90 33.04
N PRO C 279 21.28 -38.46 31.84
CA PRO C 279 22.47 -38.87 31.09
C PRO C 279 23.19 -37.66 30.53
N LEU C 280 24.46 -37.87 30.16
CA LEU C 280 25.25 -36.79 29.61
C LEU C 280 24.89 -36.48 28.17
N SER C 281 24.38 -37.45 27.41
CA SER C 281 24.02 -37.22 26.03
C SER C 281 22.99 -38.26 25.61
N SER C 282 22.29 -37.96 24.51
CA SER C 282 21.28 -38.88 24.00
C SER C 282 21.89 -40.17 23.49
N GLN C 283 23.20 -40.18 23.18
CA GLN C 283 23.85 -41.42 22.80
C GLN C 283 24.00 -42.35 23.99
N ASP C 284 24.23 -41.79 25.18
CA ASP C 284 24.38 -42.60 26.37
C ASP C 284 23.04 -43.16 26.82
N PRO C 285 23.03 -44.32 27.47
CA PRO C 285 21.79 -44.86 28.04
C PRO C 285 21.46 -44.16 29.36
N ALA C 286 20.33 -44.55 29.92
CA ALA C 286 19.92 -43.98 31.20
C ALA C 286 20.92 -44.37 32.29
N PRO C 287 21.27 -43.45 33.18
CA PRO C 287 22.28 -43.76 34.20
C PRO C 287 21.77 -44.81 35.17
N VAL C 288 22.57 -45.85 35.38
CA VAL C 288 22.25 -46.93 36.31
C VAL C 288 23.23 -46.83 37.47
N ARG C 289 22.69 -46.71 38.67
CA ARG C 289 23.49 -46.54 39.88
C ARG C 289 23.56 -47.87 40.63
N GLU C 290 24.15 -47.84 41.82
CA GLU C 290 24.17 -48.99 42.71
C GLU C 290 23.03 -48.85 43.72
N CYS C 291 22.27 -49.93 43.89
CA CYS C 291 21.04 -49.90 44.68
C CYS C 291 21.17 -50.86 45.87
N HIS C 292 20.48 -50.51 46.95
CA HIS C 292 20.52 -51.32 48.17
C HIS C 292 19.15 -51.92 48.48
C11 BTN D . 7.20 0.58 21.07
O11 BTN D . 6.81 1.38 21.93
C10 BTN D . 7.29 -0.88 21.40
C9 BTN D . 7.24 -1.05 22.93
C8 BTN D . 7.13 -2.56 23.28
C7 BTN D . 8.51 -3.12 23.65
C2 BTN D . 8.85 -4.40 22.69
S1 BTN D . 8.23 -5.59 23.20
C6 BTN D . 9.33 -6.88 22.96
C5 BTN D . 10.68 -6.31 22.89
N1 BTN D . 11.34 -6.54 24.05
C3 BTN D . 11.64 -5.20 24.69
O3 BTN D . 12.21 -5.03 25.72
N2 BTN D . 11.07 -4.10 23.76
C4 BTN D . 10.50 -4.69 22.72
PG ATP E . -17.21 25.08 -17.64
O1G ATP E . -16.35 24.03 -17.03
O2G ATP E . -17.14 25.12 -19.17
O3G ATP E . -16.94 26.48 -17.08
PB ATP E . -19.85 25.23 -16.27
O1B ATP E . -19.85 24.34 -15.09
O2B ATP E . -19.65 26.71 -15.99
O3B ATP E . -18.74 24.80 -17.32
PA ATP E . -21.69 25.59 -18.56
O1A ATP E . -20.65 25.42 -19.59
O2A ATP E . -22.21 27.01 -18.35
O3A ATP E . -21.17 25.08 -17.14
O5' ATP E . -22.92 24.64 -18.84
C5' ATP E . -22.79 23.20 -18.79
C4' ATP E . -23.86 22.58 -19.65
O4' ATP E . -25.15 23.14 -19.29
C3' ATP E . -23.73 22.84 -21.14
O3' ATP E . -22.85 21.90 -21.74
C2' ATP E . -25.18 22.65 -21.62
O2' ATP E . -25.48 21.28 -21.86
C1' ATP E . -25.99 23.16 -20.43
N9 ATP E . -26.49 24.53 -20.59
C8 ATP E . -25.95 25.68 -20.09
N7 ATP E . -26.61 26.76 -20.40
C5 ATP E . -27.66 26.30 -21.17
C6 ATP E . -28.73 26.96 -21.81
N6 ATP E . -28.92 28.28 -21.77
N1 ATP E . -29.61 26.20 -22.50
C2 ATP E . -29.42 24.87 -22.54
N3 ATP E . -28.45 24.15 -21.98
C4 ATP E . -27.60 24.92 -21.30
MG MG F . -18.97 26.18 -18.80
C BCT G . -13.84 21.72 -19.00
O1 BCT G . -13.56 20.62 -19.46
O2 BCT G . -14.02 22.15 -17.86
O3 BCT G . -13.90 22.78 -19.96
O14 1VU H . 24.57 1.42 37.18
P2 1VU H . 23.43 0.54 37.48
O15 1VU H . 22.23 1.41 38.07
O16 1VU H . 23.84 -0.49 38.46
O13 1VU H . 22.93 -0.18 36.09
C23 1VU H . 21.66 -0.64 36.01
C22 1VU H . 21.29 -0.87 34.59
O12 1VU H . 22.17 -0.08 33.72
C16 1VU H . 21.51 -2.20 34.40
N2 1VU H . 20.70 -2.72 33.31
C21 1VU H . 21.02 -2.53 32.03
N6 1VU H . 22.08 -1.87 31.43
C20 1VU H . 22.17 -1.84 30.05
N5 1VU H . 21.21 -2.44 29.29
C19 1VU H . 20.18 -3.09 29.87
N4 1VU H . 19.27 -3.68 28.95
C18 1VU H . 20.08 -3.13 31.26
N3 1VU H . 19.16 -3.70 32.10
C17 1VU H . 19.53 -3.46 33.35
O11 1VU H . 21.11 -2.88 35.78
C15 1VU H . 21.56 -2.08 36.70
C14 1VU H . 20.60 -2.04 37.89
O10 1VU H . 19.51 -1.15 37.59
P1 1VU H . 18.00 -1.64 38.03
O8 1VU H . 16.95 -0.75 37.33
O9 1VU H . 17.84 -1.53 39.53
O7 1VU H . 17.79 -3.21 37.55
P 1VU H . 16.60 -4.19 38.13
O5 1VU H . 15.61 -3.35 38.99
O6 1VU H . 17.23 -5.30 38.99
O4 1VU H . 15.78 -4.88 36.81
C13 1VU H . 16.40 -4.95 35.61
C10 1VU H . 15.28 -5.15 34.47
C11 1VU H . 15.41 -6.60 33.97
C12 1VU H . 13.86 -4.97 35.07
C9 1VU H . 15.47 -4.20 33.26
O3 1VU H . 14.45 -4.42 32.39
C8 1VU H . 15.50 -2.64 33.64
O2 1VU H . 15.31 -2.28 34.70
N1 1VU H . 15.77 -1.67 32.67
C7 1VU H . 16.04 -2.03 31.24
C6 1VU H . 14.85 -1.72 30.45
C5 1VU H . 14.68 -0.15 30.39
O1 1VU H . 14.98 0.49 31.28
N 1VU H . 14.12 0.51 29.17
C4 1VU H . 13.72 -0.34 27.99
C3 1VU H . 12.21 -0.61 28.05
S 1VU H . 11.31 0.85 28.67
C2 1VU H . 11.56 2.27 27.52
O 1VU H . 12.70 2.52 27.05
C1 1VU H . 10.33 3.16 27.12
C 1VU H . 10.20 3.19 25.61
#